data_7DEI
#
_entry.id   7DEI
#
_cell.length_a   95.801
_cell.length_b   95.801
_cell.length_c   190.456
_cell.angle_alpha   90.000
_cell.angle_beta   90.000
_cell.angle_gamma   120.000
#
_symmetry.space_group_name_H-M   'P 31 2 1'
#
loop_
_entity.id
_entity.type
_entity.pdbx_description
1 polymer 'Oxysterol-binding protein-related protein 3'
2 non-polymer '(2R)-3-{[(S)-hydroxy{[(1R,2R,3R,4R,5S,6R)-2,3,5,6-tetrahydroxy-4-(phosphonooxy)cyclohexyl]oxy}phosphoryl]oxy}propane-1,2-diyl dioctanoate'
3 water water
#
_entity_poly.entity_id   1
_entity_poly.type   'polypeptide(L)'
_entity_poly.pdbx_seq_one_letter_code
;GSPEFSGREAKSRRRTSLPAPSPSSSNISLWNILRNNIGKDLSKVAMPVELNEPLNTLQRLCEELEYSELLDKAAQIPSP
LERMVYVAAFAISAYASSYYRAGSKPFNPVLGETYECIREDKGFQFFSEQVSHHPPISACHAESRNFVFWQDVRWKNKFW
GKSMEIVPIGTTHVTLPVFGDHFEWNKVTSCIHNILSGQRWIEHYGEIVIKNLHDDSCYCKVNFIKAKYWSTNAHEIEGT
VFDRSGKAVHRLFGKWHESIYCGGGSSSACVWRANPMPKGYEQYYSFTQFALELNEMDPSSKSLLPPTDTRFRPDQRFLE
EGNLEEAEIQKQRIEQLQRERRRVLEENHVEHQPRFFRKSDGSWVSNGTYLELRKDLGFSKLDHPVLW
;
_entity_poly.pdbx_strand_id   A,B
#
# COMPACT_ATOMS: atom_id res chain seq x y z
N ARG A 13 21.43 9.38 -10.16
CA ARG A 13 21.50 9.62 -11.59
C ARG A 13 20.32 10.45 -12.06
N ARG A 14 19.12 9.88 -12.01
CA ARG A 14 17.91 10.59 -12.40
C ARG A 14 17.35 11.33 -11.20
N ARG A 15 16.59 12.40 -11.45
CA ARG A 15 16.03 13.16 -10.34
C ARG A 15 15.05 12.31 -9.54
N THR A 16 15.03 12.59 -8.25
CA THR A 16 14.14 11.94 -7.30
C THR A 16 13.36 13.01 -6.55
N SER A 17 13.24 14.19 -7.16
CA SER A 17 12.56 15.30 -6.53
C SER A 17 12.20 16.34 -7.58
N LEU A 18 11.39 17.32 -7.18
CA LEU A 18 10.93 18.41 -8.00
C LEU A 18 11.38 19.74 -7.41
N PRO A 19 11.62 20.75 -8.25
CA PRO A 19 12.07 22.05 -7.72
C PRO A 19 11.13 22.64 -6.69
N ALA A 20 9.83 22.45 -6.86
CA ALA A 20 8.85 22.98 -5.91
C ALA A 20 7.84 21.89 -5.59
N PRO A 21 7.30 21.90 -4.38
CA PRO A 21 6.32 20.88 -4.02
C PRO A 21 4.98 21.17 -4.68
N SER A 22 4.14 20.14 -4.73
CA SER A 22 2.81 20.27 -5.26
C SER A 22 1.95 21.00 -4.22
N PRO A 23 0.96 21.79 -4.66
CA PRO A 23 0.15 22.55 -3.70
C PRO A 23 -0.76 21.65 -2.87
N SER A 24 -1.17 22.18 -1.70
CA SER A 24 -2.06 21.44 -0.81
C SER A 24 -3.23 20.90 -1.63
N SER A 25 -3.98 21.83 -2.23
CA SER A 25 -5.08 21.53 -3.13
C SER A 25 -5.59 22.88 -3.62
N SER A 26 -5.94 22.94 -4.90
CA SER A 26 -6.44 24.15 -5.52
C SER A 26 -7.61 23.79 -6.43
N ASN A 27 -8.44 22.84 -5.97
CA ASN A 27 -9.59 22.35 -6.72
C ASN A 27 -10.89 23.09 -6.39
N ILE A 28 -10.81 24.34 -5.95
CA ILE A 28 -11.99 25.15 -5.67
C ILE A 28 -12.78 25.39 -6.94
N SER A 29 -12.07 25.73 -8.04
CA SER A 29 -12.73 26.00 -9.31
C SER A 29 -13.47 24.78 -9.84
N LEU A 30 -12.92 23.58 -9.55
CA LEU A 30 -13.50 22.34 -10.04
C LEU A 30 -14.97 22.19 -9.67
N TRP A 31 -15.37 22.70 -8.51
CA TRP A 31 -16.76 22.59 -8.10
C TRP A 31 -17.71 23.18 -9.16
N ASN A 32 -17.53 24.46 -9.48
CA ASN A 32 -18.42 25.08 -10.45
C ASN A 32 -18.19 24.53 -11.85
N ILE A 33 -16.93 24.32 -12.24
CA ILE A 33 -16.66 23.80 -13.58
C ILE A 33 -17.40 22.49 -13.84
N LEU A 34 -17.35 21.57 -12.88
CA LEU A 34 -18.00 20.29 -13.11
C LEU A 34 -19.49 20.34 -12.90
N ARG A 35 -20.00 21.18 -11.98
CA ARG A 35 -21.46 21.18 -11.84
C ARG A 35 -22.19 21.89 -12.98
N ASN A 36 -21.50 22.75 -13.73
CA ASN A 36 -22.10 23.46 -14.85
C ASN A 36 -22.06 22.65 -16.14
N ASN A 37 -21.31 21.55 -16.18
CA ASN A 37 -21.18 20.78 -17.41
C ASN A 37 -21.49 19.33 -17.18
N ILE A 38 -22.53 19.05 -16.38
CA ILE A 38 -22.95 17.68 -16.20
C ILE A 38 -23.35 17.13 -17.57
N GLY A 39 -22.87 15.94 -17.90
CA GLY A 39 -23.17 15.31 -19.17
C GLY A 39 -22.48 15.86 -20.40
N LYS A 40 -21.73 16.96 -20.30
CA LYS A 40 -21.07 17.53 -21.47
C LYS A 40 -19.66 16.97 -21.69
N ASP A 41 -19.10 17.22 -22.88
CA ASP A 41 -17.77 16.72 -23.24
C ASP A 41 -16.75 17.60 -22.55
N LEU A 42 -15.97 16.99 -21.64
CA LEU A 42 -15.00 17.74 -20.87
C LEU A 42 -13.79 18.18 -21.69
N SER A 43 -13.45 17.47 -22.77
CA SER A 43 -12.30 17.96 -23.52
C SER A 43 -12.55 19.34 -24.12
N LYS A 44 -13.80 19.82 -24.13
CA LYS A 44 -14.11 21.13 -24.65
C LYS A 44 -14.25 22.18 -23.56
N VAL A 45 -14.13 21.80 -22.29
CA VAL A 45 -14.26 22.73 -21.17
C VAL A 45 -12.85 23.09 -20.69
N ALA A 46 -12.44 24.33 -20.93
CA ALA A 46 -11.11 24.77 -20.51
C ALA A 46 -11.04 24.85 -18.99
N MET A 47 -9.94 24.35 -18.42
CA MET A 47 -9.76 24.35 -16.98
C MET A 47 -8.45 24.98 -16.55
N PRO A 48 -8.44 25.66 -15.39
CA PRO A 48 -7.21 26.31 -14.90
C PRO A 48 -6.03 25.34 -14.82
N VAL A 49 -4.83 25.91 -15.02
CA VAL A 49 -3.60 25.11 -15.00
C VAL A 49 -3.34 24.54 -13.62
N GLU A 50 -3.83 25.19 -12.55
CA GLU A 50 -3.56 24.68 -11.21
C GLU A 50 -4.09 23.28 -10.99
N LEU A 51 -5.08 22.84 -11.76
CA LEU A 51 -5.61 21.49 -11.59
C LEU A 51 -4.72 20.42 -12.21
N ASN A 52 -3.82 20.79 -13.12
CA ASN A 52 -2.94 19.85 -13.79
C ASN A 52 -1.79 19.36 -12.90
N GLU A 53 -1.05 18.40 -13.45
CA GLU A 53 0.14 17.79 -12.89
C GLU A 53 1.21 17.93 -13.96
N PRO A 54 2.50 17.92 -13.57
CA PRO A 54 3.60 18.09 -14.54
C PRO A 54 3.67 17.15 -15.73
N LEU A 55 2.77 16.19 -15.88
CA LEU A 55 2.81 15.29 -17.03
C LEU A 55 1.58 15.51 -17.90
N ASN A 56 1.68 15.11 -19.17
CA ASN A 56 0.61 15.24 -20.14
C ASN A 56 0.18 13.85 -20.60
N THR A 57 -0.86 13.77 -21.44
CA THR A 57 -1.36 12.45 -21.86
C THR A 57 -0.29 11.65 -22.62
N LEU A 58 0.65 12.32 -23.30
CA LEU A 58 1.70 11.57 -23.98
C LEU A 58 2.60 10.88 -22.96
N GLN A 59 3.03 11.64 -21.95
CA GLN A 59 3.86 11.06 -20.91
C GLN A 59 3.08 9.99 -20.13
N ARG A 60 1.76 10.20 -19.95
CA ARG A 60 0.98 9.18 -19.28
C ARG A 60 0.99 7.90 -20.08
N LEU A 61 1.04 8.01 -21.40
CA LEU A 61 1.15 6.81 -22.21
C LEU A 61 2.49 6.14 -21.93
N CYS A 62 3.53 6.96 -21.76
CA CYS A 62 4.85 6.39 -21.47
C CYS A 62 4.89 5.65 -20.13
N GLU A 63 4.10 6.09 -19.14
CA GLU A 63 4.13 5.39 -17.85
C GLU A 63 3.66 3.93 -17.96
N GLU A 64 2.88 3.58 -18.97
CA GLU A 64 2.43 2.18 -19.11
C GLU A 64 3.59 1.22 -19.34
N LEU A 65 4.81 1.75 -19.39
CA LEU A 65 6.00 0.93 -19.57
C LEU A 65 6.81 0.83 -18.28
N GLU A 66 6.26 1.32 -17.15
CA GLU A 66 6.99 1.24 -15.89
C GLU A 66 7.41 -0.19 -15.58
N TYR A 67 6.56 -1.15 -15.89
CA TYR A 67 6.82 -2.56 -15.62
C TYR A 67 7.09 -3.31 -16.92
N SER A 68 7.83 -2.65 -17.83
CA SER A 68 8.18 -3.22 -19.11
C SER A 68 9.06 -4.45 -18.99
N GLU A 69 9.60 -4.75 -17.80
CA GLU A 69 10.42 -5.96 -17.68
C GLU A 69 9.55 -7.21 -17.80
N LEU A 70 8.23 -7.09 -17.65
CA LEU A 70 7.37 -8.24 -17.82
C LEU A 70 7.46 -8.73 -19.25
N LEU A 71 7.47 -7.80 -20.20
CA LEU A 71 7.59 -8.14 -21.61
C LEU A 71 8.98 -8.70 -21.89
N ASP A 72 10.01 -8.13 -21.25
CA ASP A 72 11.37 -8.64 -21.42
C ASP A 72 11.42 -10.11 -21.02
N LYS A 73 10.71 -10.45 -19.94
CA LYS A 73 10.65 -11.84 -19.48
C LYS A 73 9.86 -12.71 -20.45
N ALA A 74 8.71 -12.21 -20.93
CA ALA A 74 7.91 -12.99 -21.86
C ALA A 74 8.61 -13.17 -23.20
N ALA A 75 9.59 -12.32 -23.50
CA ALA A 75 10.31 -12.40 -24.76
C ALA A 75 11.16 -13.65 -24.87
N GLN A 76 11.49 -14.33 -23.75
CA GLN A 76 12.28 -15.55 -23.84
C GLN A 76 11.49 -16.81 -23.44
N ILE A 77 10.25 -16.68 -23.01
CA ILE A 77 9.46 -17.83 -22.57
C ILE A 77 8.87 -18.53 -23.79
N PRO A 78 9.21 -19.82 -24.01
CA PRO A 78 8.71 -20.53 -25.20
C PRO A 78 7.26 -20.99 -25.17
N SER A 79 6.64 -21.12 -24.01
CA SER A 79 5.24 -21.51 -24.01
C SER A 79 4.37 -20.30 -24.33
N PRO A 80 3.41 -20.42 -25.24
CA PRO A 80 2.57 -19.25 -25.52
C PRO A 80 1.68 -18.88 -24.35
N LEU A 81 1.17 -19.86 -23.59
CA LEU A 81 0.29 -19.58 -22.47
C LEU A 81 1.01 -18.79 -21.37
N GLU A 82 2.26 -19.12 -21.06
CA GLU A 82 2.97 -18.34 -20.05
C GLU A 82 3.22 -16.92 -20.55
N ARG A 83 3.55 -16.80 -21.84
CA ARG A 83 3.75 -15.48 -22.41
C ARG A 83 2.47 -14.68 -22.28
N MET A 84 1.35 -15.34 -22.46
CA MET A 84 0.05 -14.71 -22.29
C MET A 84 -0.11 -14.22 -20.86
N VAL A 85 0.21 -15.08 -19.89
CA VAL A 85 0.07 -14.71 -18.48
C VAL A 85 0.86 -13.44 -18.17
N TYR A 86 2.14 -13.41 -18.57
CA TYR A 86 2.96 -12.24 -18.28
C TYR A 86 2.47 -10.99 -19.00
N VAL A 87 2.02 -11.12 -20.26
CA VAL A 87 1.50 -9.96 -20.97
C VAL A 87 0.20 -9.48 -20.30
N ALA A 88 -0.60 -10.41 -19.77
CA ALA A 88 -1.82 -10.00 -19.07
C ALA A 88 -1.44 -9.18 -17.85
N ALA A 89 -0.45 -9.65 -17.12
CA ALA A 89 -0.01 -8.89 -15.96
C ALA A 89 0.46 -7.51 -16.40
N PHE A 90 1.18 -7.45 -17.53
CA PHE A 90 1.66 -6.16 -18.03
C PHE A 90 0.48 -5.21 -18.30
N ALA A 91 -0.59 -5.76 -18.92
CA ALA A 91 -1.78 -4.97 -19.22
C ALA A 91 -2.41 -4.44 -17.94
N ILE A 92 -2.47 -5.28 -16.92
CA ILE A 92 -3.02 -4.85 -15.63
C ILE A 92 -2.09 -3.82 -14.99
N SER A 93 -0.77 -4.05 -15.08
CA SER A 93 0.21 -3.16 -14.45
C SER A 93 0.06 -1.73 -14.92
N ALA A 94 -0.39 -1.52 -16.16
CA ALA A 94 -0.58 -0.13 -16.59
C ALA A 94 -1.50 0.67 -15.65
N TYR A 95 -2.26 0.00 -14.77
CA TYR A 95 -3.20 0.67 -13.88
C TYR A 95 -2.68 0.99 -12.48
N ALA A 96 -1.68 0.26 -12.00
CA ALA A 96 -1.13 0.47 -10.64
C ALA A 96 -0.93 1.93 -10.29
N SER A 97 -0.18 2.63 -11.15
CA SER A 97 0.14 4.04 -10.94
C SER A 97 -1.07 4.91 -10.60
N SER A 98 -2.20 4.71 -11.28
CA SER A 98 -3.37 5.56 -11.06
C SER A 98 -3.90 5.53 -9.63
N TYR A 99 -3.63 4.49 -8.87
CA TYR A 99 -4.17 4.38 -7.51
C TYR A 99 -3.82 5.57 -6.63
N TYR A 100 -2.55 5.97 -6.61
CA TYR A 100 -2.17 7.10 -5.75
C TYR A 100 -2.56 8.44 -6.34
N ARG A 101 -2.52 8.59 -7.66
CA ARG A 101 -2.98 9.86 -8.25
C ARG A 101 -4.46 9.77 -8.51
N ALA A 102 -5.20 9.29 -7.50
CA ALA A 102 -6.63 9.00 -7.57
C ALA A 102 -7.39 9.97 -8.47
N GLY A 103 -7.39 11.24 -8.14
CA GLY A 103 -8.03 12.21 -9.01
C GLY A 103 -6.92 13.15 -9.44
N SER A 104 -6.54 13.08 -10.71
CA SER A 104 -5.46 13.94 -11.19
C SER A 104 -5.64 14.17 -12.68
N LYS A 105 -5.35 15.38 -13.11
CA LYS A 105 -5.54 15.72 -14.50
C LYS A 105 -4.22 15.90 -15.24
N PRO A 106 -4.01 15.26 -16.37
CA PRO A 106 -2.79 15.47 -17.14
C PRO A 106 -2.94 16.67 -18.08
N PHE A 107 -1.80 17.20 -18.50
CA PHE A 107 -1.86 18.30 -19.46
C PHE A 107 -2.47 17.83 -20.76
N ASN A 108 -3.22 18.73 -21.39
CA ASN A 108 -3.80 18.39 -22.69
C ASN A 108 -2.74 18.78 -23.71
N PRO A 109 -2.12 17.82 -24.40
CA PRO A 109 -1.05 18.17 -25.35
C PRO A 109 -1.57 19.00 -26.51
N VAL A 110 -0.68 19.86 -27.02
CA VAL A 110 -0.92 20.74 -28.15
C VAL A 110 -0.81 19.94 -29.45
N LEU A 111 -1.59 20.33 -30.47
CA LEU A 111 -1.51 19.61 -31.74
C LEU A 111 -0.08 19.65 -32.27
N GLY A 112 0.47 18.47 -32.58
CA GLY A 112 1.84 18.37 -33.04
C GLY A 112 2.85 18.26 -31.92
N GLU A 113 2.43 18.40 -30.66
CA GLU A 113 3.33 18.26 -29.52
C GLU A 113 3.82 16.81 -29.49
N THR A 114 5.09 16.64 -29.19
CA THR A 114 5.70 15.33 -29.17
C THR A 114 6.37 15.07 -27.83
N TYR A 115 6.58 13.80 -27.56
CA TYR A 115 7.28 13.47 -26.33
C TYR A 115 8.14 12.24 -26.57
N GLU A 116 9.35 12.24 -26.04
CA GLU A 116 10.22 11.11 -26.22
C GLU A 116 10.89 10.75 -24.90
N CYS A 117 11.25 9.47 -24.81
CA CYS A 117 11.95 8.96 -23.64
C CYS A 117 12.87 7.84 -24.12
N ILE A 118 14.17 8.14 -24.12
CA ILE A 118 15.24 7.23 -24.45
C ILE A 118 15.74 6.67 -23.13
N ARG A 119 15.39 5.41 -22.83
CA ARG A 119 15.81 4.80 -21.57
C ARG A 119 16.77 3.67 -21.89
N GLU A 120 18.06 3.95 -21.74
CA GLU A 120 19.05 2.89 -21.91
C GLU A 120 18.85 1.89 -20.77
N ASP A 121 18.32 2.41 -19.66
CA ASP A 121 17.98 1.67 -18.45
C ASP A 121 17.16 0.41 -18.74
N LYS A 122 15.94 0.60 -19.23
CA LYS A 122 15.05 -0.50 -19.53
C LYS A 122 15.19 -0.95 -20.97
N GLY A 123 16.23 -0.47 -21.67
CA GLY A 123 16.46 -0.82 -23.05
C GLY A 123 15.26 -0.54 -23.94
N PHE A 124 14.69 0.66 -23.88
CA PHE A 124 13.58 0.93 -24.79
C PHE A 124 13.66 2.37 -25.30
N GLN A 125 13.04 2.56 -26.45
CA GLN A 125 13.02 3.83 -27.18
C GLN A 125 11.56 4.24 -27.36
N PHE A 126 11.07 5.23 -26.61
CA PHE A 126 9.67 5.63 -26.69
C PHE A 126 9.49 7.03 -27.27
N PHE A 127 8.49 7.19 -28.13
CA PHE A 127 8.16 8.48 -28.71
C PHE A 127 6.65 8.51 -28.95
N SER A 128 6.11 9.72 -28.97
CA SER A 128 4.69 9.92 -29.13
C SER A 128 4.40 11.29 -29.71
N GLU A 129 3.20 11.41 -30.29
CA GLU A 129 2.74 12.67 -30.85
C GLU A 129 1.23 12.83 -30.65
N GLN A 130 0.82 14.07 -30.36
CA GLN A 130 -0.59 14.42 -30.23
C GLN A 130 -1.05 14.60 -31.67
N VAL A 131 -1.73 13.59 -32.21
CA VAL A 131 -2.10 13.67 -33.62
C VAL A 131 -3.38 14.45 -33.91
N SER A 132 -4.17 14.76 -32.90
CA SER A 132 -5.41 15.50 -33.12
C SER A 132 -5.74 16.25 -31.84
N HIS A 133 -6.43 17.38 -31.98
CA HIS A 133 -6.84 18.19 -30.84
C HIS A 133 -8.35 18.25 -30.66
N HIS A 134 -9.11 18.25 -31.75
CA HIS A 134 -10.58 18.30 -31.75
C HIS A 134 -11.08 17.08 -32.49
N PRO A 135 -11.24 15.93 -31.81
CA PRO A 135 -11.02 15.61 -30.40
C PRO A 135 -9.54 15.36 -30.07
N PRO A 136 -9.15 15.41 -28.79
CA PRO A 136 -7.75 15.15 -28.45
C PRO A 136 -7.46 13.67 -28.63
N ILE A 137 -6.33 13.38 -29.30
CA ILE A 137 -5.89 12.01 -29.55
C ILE A 137 -4.37 11.92 -29.40
N SER A 138 -3.91 10.94 -28.62
CA SER A 138 -2.49 10.72 -28.40
C SER A 138 -2.08 9.40 -29.02
N ALA A 139 -0.90 9.38 -29.68
CA ALA A 139 -0.38 8.18 -30.33
C ALA A 139 1.05 7.94 -29.85
N CYS A 140 1.38 6.66 -29.60
CA CYS A 140 2.73 6.39 -29.13
C CYS A 140 3.27 5.07 -29.68
N HIS A 141 4.59 5.01 -29.70
CA HIS A 141 5.36 3.86 -30.19
C HIS A 141 6.65 3.77 -29.37
N ALA A 142 7.00 2.56 -28.92
CA ALA A 142 8.22 2.29 -28.17
C ALA A 142 8.81 1.02 -28.78
N GLU A 143 10.11 1.08 -29.06
CA GLU A 143 10.83 0.01 -29.73
C GLU A 143 11.89 -0.57 -28.79
N SER A 144 12.06 -1.89 -28.85
CA SER A 144 13.07 -2.54 -28.02
C SER A 144 13.47 -3.88 -28.64
N ARG A 145 14.67 -4.33 -28.27
CA ARG A 145 15.14 -5.61 -28.78
C ARG A 145 14.30 -6.76 -28.27
N ASN A 146 13.59 -6.57 -27.16
CA ASN A 146 12.76 -7.60 -26.58
C ASN A 146 11.27 -7.41 -26.82
N PHE A 147 10.85 -6.30 -27.45
CA PHE A 147 9.43 -6.08 -27.72
C PHE A 147 9.26 -4.78 -28.50
N VAL A 148 8.01 -4.56 -28.93
CA VAL A 148 7.56 -3.36 -29.63
C VAL A 148 6.18 -3.06 -29.06
N PHE A 149 6.01 -1.91 -28.45
CA PHE A 149 4.75 -1.51 -27.83
C PHE A 149 4.20 -0.29 -28.57
N TRP A 150 2.90 -0.30 -28.88
CA TRP A 150 2.36 0.87 -29.56
C TRP A 150 0.86 0.95 -29.36
N GLN A 151 0.37 2.18 -29.30
CA GLN A 151 -1.07 2.33 -29.13
C GLN A 151 -1.52 3.71 -29.59
N ASP A 152 -2.83 3.82 -29.63
CA ASP A 152 -3.58 4.96 -30.10
C ASP A 152 -4.72 5.16 -29.10
N VAL A 153 -4.81 6.32 -28.45
CA VAL A 153 -5.91 6.48 -27.49
C VAL A 153 -6.60 7.84 -27.62
N ARG A 154 -7.91 7.82 -27.33
CA ARG A 154 -8.78 9.00 -27.33
C ARG A 154 -9.77 8.81 -26.17
N TRP A 155 -10.48 9.86 -25.78
CA TRP A 155 -11.39 9.73 -24.63
C TRP A 155 -12.82 10.18 -24.92
N LYS A 156 -13.68 9.77 -24.00
CA LYS A 156 -15.10 10.11 -23.97
C LYS A 156 -15.48 10.37 -22.50
N ASN A 157 -14.73 11.25 -21.84
CA ASN A 157 -14.95 11.56 -20.43
C ASN A 157 -16.13 12.48 -20.18
N LYS A 158 -16.85 12.20 -19.09
CA LYS A 158 -18.02 12.99 -18.73
C LYS A 158 -18.21 13.02 -17.23
N PHE A 159 -18.70 14.15 -16.72
CA PHE A 159 -18.98 14.28 -15.29
C PHE A 159 -20.49 14.23 -15.06
N TRP A 160 -20.91 13.25 -14.27
CA TRP A 160 -22.29 13.11 -13.86
C TRP A 160 -22.36 13.73 -12.47
N GLY A 161 -23.55 14.08 -12.02
CA GLY A 161 -23.63 14.79 -10.73
C GLY A 161 -22.59 14.69 -9.61
N LYS A 162 -22.06 13.50 -9.34
CA LYS A 162 -21.10 13.36 -8.27
C LYS A 162 -19.91 12.48 -8.62
N SER A 163 -19.76 12.06 -9.87
CA SER A 163 -18.61 11.23 -10.16
C SER A 163 -18.18 11.47 -11.59
N MET A 164 -16.91 11.20 -11.85
CA MET A 164 -16.41 11.40 -13.19
C MET A 164 -16.14 10.06 -13.83
N GLU A 165 -16.55 9.95 -15.10
CA GLU A 165 -16.37 8.72 -15.85
C GLU A 165 -15.35 9.00 -16.94
N ILE A 166 -14.31 8.16 -16.98
CA ILE A 166 -13.27 8.23 -17.98
C ILE A 166 -13.42 7.00 -18.83
N VAL A 167 -13.72 7.21 -20.11
CA VAL A 167 -13.94 6.12 -21.05
C VAL A 167 -12.86 6.19 -22.14
N PRO A 168 -11.87 5.32 -22.10
CA PRO A 168 -10.83 5.35 -23.14
C PRO A 168 -11.21 4.47 -24.31
N ILE A 169 -10.76 4.91 -25.49
CA ILE A 169 -11.02 4.22 -26.74
C ILE A 169 -9.70 4.08 -27.48
N GLY A 170 -9.52 2.93 -28.13
CA GLY A 170 -8.31 2.60 -28.90
C GLY A 170 -7.65 1.42 -28.23
N THR A 171 -7.22 0.44 -29.05
CA THR A 171 -6.58 -0.73 -28.47
C THR A 171 -5.06 -0.57 -28.40
N THR A 172 -4.46 -1.37 -27.52
CA THR A 172 -3.03 -1.40 -27.26
C THR A 172 -2.44 -2.66 -27.89
N HIS A 173 -1.24 -2.51 -28.50
CA HIS A 173 -0.58 -3.59 -29.20
C HIS A 173 0.84 -3.82 -28.69
N VAL A 174 1.22 -5.08 -28.63
CA VAL A 174 2.57 -5.47 -28.23
C VAL A 174 3.02 -6.62 -29.10
N THR A 175 4.27 -6.56 -29.56
CA THR A 175 4.87 -7.62 -30.35
C THR A 175 6.18 -8.01 -29.66
N LEU A 176 6.53 -9.31 -29.76
CA LEU A 176 7.71 -9.94 -29.20
C LEU A 176 8.68 -10.27 -30.35
N PRO A 177 9.99 -10.08 -30.14
CA PRO A 177 10.99 -10.21 -31.23
C PRO A 177 11.51 -11.59 -31.63
N VAL A 178 11.17 -12.70 -30.97
CA VAL A 178 11.71 -13.98 -31.44
C VAL A 178 10.64 -15.04 -31.63
N PHE A 179 9.36 -14.75 -31.32
CA PHE A 179 8.28 -15.73 -31.47
C PHE A 179 7.22 -15.35 -32.51
N GLY A 180 7.16 -14.09 -32.92
CA GLY A 180 6.22 -13.56 -33.88
C GLY A 180 4.90 -13.10 -33.30
N ASP A 181 4.80 -12.97 -31.97
CA ASP A 181 3.55 -12.63 -31.30
C ASP A 181 3.04 -11.22 -31.58
N HIS A 182 1.71 -11.09 -31.56
CA HIS A 182 1.03 -9.80 -31.74
C HIS A 182 -0.16 -9.82 -30.77
N PHE A 183 0.03 -9.18 -29.61
CA PHE A 183 -0.99 -9.06 -28.59
C PHE A 183 -1.77 -7.77 -28.79
N GLU A 184 -3.09 -7.89 -28.74
CA GLU A 184 -4.00 -6.76 -28.89
C GLU A 184 -5.06 -6.81 -27.80
N TRP A 185 -5.21 -5.70 -27.06
CA TRP A 185 -6.22 -5.69 -26.00
C TRP A 185 -6.80 -4.28 -25.83
N ASN A 186 -8.01 -4.23 -25.27
CA ASN A 186 -8.80 -3.02 -25.07
C ASN A 186 -8.64 -2.39 -23.70
N LYS A 187 -8.97 -1.10 -23.64
CA LYS A 187 -8.93 -0.34 -22.39
C LYS A 187 -10.27 -0.55 -21.67
N VAL A 188 -10.28 -0.30 -20.36
CA VAL A 188 -11.45 -0.55 -19.53
C VAL A 188 -12.07 0.78 -19.06
N THR A 189 -13.20 0.74 -18.34
CA THR A 189 -13.81 1.99 -17.88
C THR A 189 -13.26 2.39 -16.51
N SER A 190 -13.09 3.71 -16.29
CA SER A 190 -12.59 4.19 -15.02
C SER A 190 -13.58 5.19 -14.46
N CYS A 191 -13.66 5.22 -13.13
CA CYS A 191 -14.54 6.14 -12.43
C CYS A 191 -13.79 6.79 -11.27
N ILE A 192 -13.99 8.08 -11.12
CA ILE A 192 -13.39 8.83 -10.04
C ILE A 192 -14.56 9.22 -9.15
N HIS A 193 -14.59 8.66 -7.94
CA HIS A 193 -15.64 8.94 -6.96
C HIS A 193 -15.17 10.01 -6.00
N ASN A 194 -16.10 10.88 -5.64
CA ASN A 194 -15.88 11.97 -4.69
C ASN A 194 -14.80 12.92 -5.19
N ILE A 195 -15.01 13.43 -6.41
CA ILE A 195 -14.06 14.38 -6.97
C ILE A 195 -14.33 15.72 -6.32
N LEU A 196 -15.60 16.14 -6.36
CA LEU A 196 -15.99 17.38 -5.71
C LEU A 196 -15.64 17.27 -4.25
N SER A 197 -15.95 16.11 -3.66
CA SER A 197 -15.39 15.50 -2.47
C SER A 197 -16.14 14.56 -1.53
N GLY A 198 -15.25 14.04 -0.71
CA GLY A 198 -15.17 13.06 0.32
C GLY A 198 -13.78 12.49 0.14
N GLN A 199 -13.64 11.19 0.33
CA GLN A 199 -12.37 10.52 0.09
C GLN A 199 -12.34 10.27 -1.42
N ARG A 200 -11.50 10.99 -2.15
CA ARG A 200 -11.46 10.82 -3.59
C ARG A 200 -10.71 9.55 -3.97
N TRP A 201 -11.35 8.69 -4.76
CA TRP A 201 -10.66 7.47 -5.14
C TRP A 201 -11.04 7.08 -6.56
N ILE A 202 -10.14 6.36 -7.21
CA ILE A 202 -10.34 5.91 -8.58
C ILE A 202 -10.65 4.43 -8.57
N GLU A 203 -11.56 4.02 -9.43
CA GLU A 203 -11.98 2.65 -9.61
C GLU A 203 -11.88 2.30 -11.08
N HIS A 204 -11.51 1.05 -11.38
CA HIS A 204 -11.37 0.56 -12.75
C HIS A 204 -12.25 -0.68 -12.88
N TYR A 205 -13.24 -0.63 -13.76
CA TYR A 205 -14.13 -1.77 -13.93
C TYR A 205 -14.43 -2.05 -15.40
N GLY A 206 -14.59 -3.35 -15.68
CA GLY A 206 -14.87 -3.83 -17.00
C GLY A 206 -14.05 -5.06 -17.32
N GLU A 207 -14.14 -5.51 -18.56
CA GLU A 207 -13.44 -6.70 -19.00
C GLU A 207 -12.40 -6.37 -20.09
N ILE A 208 -11.19 -6.89 -19.90
CA ILE A 208 -10.10 -6.75 -20.85
C ILE A 208 -9.98 -8.08 -21.57
N VAL A 209 -9.98 -8.06 -22.89
CA VAL A 209 -9.81 -9.27 -23.67
C VAL A 209 -8.47 -9.11 -24.37
N ILE A 210 -7.58 -10.07 -24.16
CA ILE A 210 -6.26 -10.02 -24.78
C ILE A 210 -6.22 -11.17 -25.76
N LYS A 211 -5.95 -10.85 -27.02
CA LYS A 211 -5.85 -11.86 -28.06
C LYS A 211 -4.45 -11.77 -28.66
N ASN A 212 -3.94 -12.92 -29.10
CA ASN A 212 -2.65 -13.01 -29.77
C ASN A 212 -3.08 -13.28 -31.20
N LEU A 213 -3.00 -12.25 -32.04
CA LEU A 213 -3.44 -12.39 -33.42
C LEU A 213 -2.64 -13.45 -34.16
N HIS A 214 -1.39 -13.64 -33.79
CA HIS A 214 -0.54 -14.62 -34.45
C HIS A 214 -0.61 -16.01 -33.86
N ASP A 215 -1.12 -16.18 -32.63
CA ASP A 215 -1.08 -17.53 -32.07
C ASP A 215 -2.45 -17.93 -31.55
N ASP A 216 -3.04 -18.87 -32.31
CA ASP A 216 -4.38 -19.43 -32.10
C ASP A 216 -4.54 -20.12 -30.73
N SER A 217 -3.43 -20.64 -30.19
CA SER A 217 -3.37 -21.41 -28.94
C SER A 217 -4.27 -20.91 -27.80
N CYS A 218 -4.13 -19.66 -27.39
CA CYS A 218 -4.94 -19.22 -26.27
C CYS A 218 -5.34 -17.75 -26.38
N TYR A 219 -6.23 -17.37 -25.46
CA TYR A 219 -6.75 -16.02 -25.31
C TYR A 219 -6.91 -15.76 -23.81
N CYS A 220 -7.05 -14.51 -23.41
CA CYS A 220 -7.20 -14.26 -21.99
C CYS A 220 -8.30 -13.24 -21.72
N LYS A 221 -8.95 -13.38 -20.56
CA LYS A 221 -10.00 -12.46 -20.12
C LYS A 221 -9.74 -12.04 -18.68
N VAL A 222 -9.67 -10.73 -18.44
CA VAL A 222 -9.42 -10.16 -17.10
C VAL A 222 -10.57 -9.23 -16.72
N ASN A 223 -11.29 -9.58 -15.67
CA ASN A 223 -12.42 -8.79 -15.18
C ASN A 223 -11.98 -7.92 -14.01
N PHE A 224 -12.22 -6.62 -14.11
CA PHE A 224 -11.92 -5.65 -13.07
C PHE A 224 -13.26 -5.43 -12.39
N ILE A 225 -13.40 -5.99 -11.18
CA ILE A 225 -14.61 -5.94 -10.37
C ILE A 225 -14.82 -4.58 -9.72
N LYS A 226 -16.08 -4.10 -9.77
CA LYS A 226 -16.58 -2.86 -9.19
C LYS A 226 -17.22 -3.22 -7.86
N ALA A 227 -17.03 -2.37 -6.84
CA ALA A 227 -17.57 -2.68 -5.52
C ALA A 227 -17.60 -1.42 -4.66
N LYS A 228 -18.02 -1.59 -3.40
CA LYS A 228 -18.06 -0.52 -2.41
C LYS A 228 -16.65 -0.24 -1.91
N TYR A 229 -16.38 1.04 -1.60
CA TYR A 229 -15.05 1.48 -1.19
C TYR A 229 -14.44 0.63 -0.08
N TRP A 230 -15.20 0.37 0.99
CA TRP A 230 -14.70 -0.40 2.13
C TRP A 230 -14.75 -1.92 1.96
N SER A 231 -14.99 -2.43 0.76
CA SER A 231 -15.12 -3.87 0.57
C SER A 231 -13.80 -4.57 0.31
N THR A 232 -13.73 -5.82 0.73
CA THR A 232 -12.56 -6.65 0.50
C THR A 232 -12.40 -7.01 -0.97
N ASN A 233 -13.39 -6.68 -1.81
CA ASN A 233 -13.36 -6.93 -3.25
C ASN A 233 -12.90 -5.71 -4.06
N ALA A 234 -12.80 -4.54 -3.45
CA ALA A 234 -12.39 -3.35 -4.20
C ALA A 234 -10.98 -3.57 -4.74
N HIS A 235 -10.77 -3.15 -6.00
CA HIS A 235 -9.53 -3.27 -6.76
C HIS A 235 -9.20 -4.70 -7.14
N GLU A 236 -10.13 -5.62 -7.00
CA GLU A 236 -9.88 -7.02 -7.34
C GLU A 236 -9.89 -7.25 -8.85
N ILE A 237 -9.26 -8.34 -9.26
CA ILE A 237 -9.29 -8.75 -10.66
C ILE A 237 -9.50 -10.26 -10.68
N GLU A 238 -10.30 -10.71 -11.63
CA GLU A 238 -10.55 -12.14 -11.83
C GLU A 238 -10.26 -12.38 -13.30
N GLY A 239 -9.19 -13.10 -13.60
CA GLY A 239 -8.83 -13.36 -14.97
C GLY A 239 -8.62 -14.85 -15.19
N THR A 240 -8.69 -15.22 -16.47
CA THR A 240 -8.51 -16.60 -16.90
C THR A 240 -7.78 -16.63 -18.24
N VAL A 241 -6.94 -17.65 -18.43
CA VAL A 241 -6.28 -17.88 -19.69
C VAL A 241 -6.96 -19.12 -20.23
N PHE A 242 -7.61 -18.99 -21.36
CA PHE A 242 -8.34 -20.09 -21.97
C PHE A 242 -7.58 -20.63 -23.17
N ASP A 243 -7.69 -21.94 -23.40
CA ASP A 243 -7.10 -22.59 -24.57
C ASP A 243 -8.06 -22.28 -25.74
N ARG A 244 -7.84 -22.83 -26.97
CA ARG A 244 -8.79 -22.57 -28.06
C ARG A 244 -10.16 -23.16 -27.75
N SER A 245 -10.18 -24.34 -27.14
CA SER A 245 -11.43 -25.01 -26.81
C SER A 245 -12.38 -24.15 -25.99
N GLY A 246 -11.84 -23.30 -25.13
CA GLY A 246 -12.63 -22.47 -24.23
C GLY A 246 -12.54 -22.92 -22.79
N LYS A 247 -11.57 -23.79 -22.46
CA LYS A 247 -11.35 -24.33 -21.12
C LYS A 247 -10.33 -23.49 -20.35
N ALA A 248 -10.62 -23.26 -19.08
CA ALA A 248 -9.72 -22.50 -18.22
C ALA A 248 -8.45 -23.29 -17.93
N VAL A 249 -7.29 -22.66 -18.17
CA VAL A 249 -5.99 -23.28 -17.95
C VAL A 249 -5.29 -22.68 -16.73
N HIS A 250 -5.21 -21.35 -16.65
CA HIS A 250 -4.59 -20.66 -15.53
C HIS A 250 -5.49 -19.55 -15.04
N ARG A 251 -5.64 -19.42 -13.73
CA ARG A 251 -6.40 -18.33 -13.14
C ARG A 251 -5.46 -17.20 -12.77
N LEU A 252 -6.03 -16.00 -12.64
CA LEU A 252 -5.32 -14.79 -12.28
C LEU A 252 -6.15 -14.09 -11.21
N PHE A 253 -5.50 -13.70 -10.10
CA PHE A 253 -6.24 -13.01 -9.05
C PHE A 253 -5.33 -11.99 -8.40
N GLY A 254 -5.90 -11.17 -7.49
CA GLY A 254 -5.16 -10.15 -6.79
C GLY A 254 -5.85 -8.81 -6.95
N LYS A 255 -5.09 -7.76 -6.65
CA LYS A 255 -5.57 -6.38 -6.74
C LYS A 255 -4.64 -5.60 -7.65
N TRP A 256 -5.22 -4.91 -8.65
CA TRP A 256 -4.47 -4.18 -9.65
C TRP A 256 -3.54 -3.09 -9.12
N HIS A 257 -3.59 -2.79 -7.82
CA HIS A 257 -2.67 -1.78 -7.30
C HIS A 257 -1.64 -2.36 -6.33
N GLU A 258 -1.74 -3.64 -5.95
CA GLU A 258 -0.77 -4.22 -5.02
C GLU A 258 0.00 -5.39 -5.62
N SER A 259 -0.65 -6.53 -5.86
CA SER A 259 0.01 -7.71 -6.37
C SER A 259 -0.91 -8.52 -7.26
N ILE A 260 -0.30 -9.28 -8.17
CA ILE A 260 -1.01 -10.14 -9.09
C ILE A 260 -0.42 -11.53 -9.00
N TYR A 261 -1.29 -12.51 -8.84
CA TYR A 261 -0.97 -13.90 -8.70
C TYR A 261 -1.60 -14.69 -9.82
N CYS A 262 -0.95 -15.79 -10.12
CA CYS A 262 -1.35 -16.74 -11.13
C CYS A 262 -1.47 -18.09 -10.43
N GLY A 263 -2.34 -18.93 -10.96
CA GLY A 263 -2.55 -20.24 -10.36
C GLY A 263 -4.01 -20.36 -10.08
N GLY A 264 -4.37 -20.31 -8.80
CA GLY A 264 -5.74 -20.37 -8.32
C GLY A 264 -6.10 -21.62 -7.56
N GLY A 265 -5.66 -22.78 -8.04
CA GLY A 265 -5.99 -24.03 -7.38
C GLY A 265 -4.88 -24.78 -6.67
N SER A 266 -4.34 -25.80 -7.35
CA SER A 266 -3.27 -26.63 -6.80
C SER A 266 -2.15 -25.80 -6.20
N SER A 267 -1.62 -24.84 -6.95
CA SER A 267 -0.53 -23.97 -6.58
C SER A 267 -0.91 -22.52 -6.84
N SER A 268 0.04 -21.60 -6.58
CA SER A 268 -0.10 -20.17 -6.81
C SER A 268 1.29 -19.56 -6.79
N ALA A 269 1.41 -18.40 -7.44
CA ALA A 269 2.68 -17.68 -7.50
C ALA A 269 2.39 -16.21 -7.77
N CYS A 270 3.17 -15.33 -7.15
CA CYS A 270 3.00 -13.90 -7.37
C CYS A 270 3.79 -13.55 -8.63
N VAL A 271 3.08 -13.10 -9.67
CA VAL A 271 3.78 -12.75 -10.91
C VAL A 271 4.04 -11.26 -11.02
N TRP A 272 3.48 -10.43 -10.14
CA TRP A 272 3.76 -9.01 -10.28
C TRP A 272 3.46 -8.27 -8.98
N ARG A 273 4.20 -7.19 -8.70
CA ARG A 273 3.93 -6.38 -7.51
C ARG A 273 4.24 -4.93 -7.82
N ALA A 274 3.41 -4.03 -7.32
CA ALA A 274 3.66 -2.62 -7.57
C ALA A 274 4.99 -2.22 -6.92
N ASN A 275 5.64 -1.23 -7.54
CA ASN A 275 6.88 -0.72 -7.03
C ASN A 275 6.58 0.15 -5.82
N PRO A 276 7.46 0.19 -4.83
CA PRO A 276 7.20 1.04 -3.68
C PRO A 276 7.24 2.50 -4.10
N MET A 277 6.38 3.28 -3.49
CA MET A 277 6.38 4.68 -3.86
C MET A 277 7.51 5.42 -3.16
N PRO A 278 8.03 6.49 -3.78
CA PRO A 278 9.12 7.25 -3.16
C PRO A 278 8.72 7.73 -1.77
N LYS A 279 9.70 7.74 -0.85
CA LYS A 279 9.38 8.21 0.50
C LYS A 279 8.85 9.63 0.40
N GLY A 280 7.71 9.88 1.03
CA GLY A 280 7.12 11.22 0.95
C GLY A 280 6.62 11.59 -0.44
N TYR A 281 6.12 10.61 -1.21
CA TYR A 281 5.60 10.82 -2.56
C TYR A 281 4.43 11.80 -2.58
N GLU A 282 3.72 11.92 -1.45
CA GLU A 282 2.55 12.79 -1.34
C GLU A 282 2.86 14.26 -1.64
N GLN A 283 4.11 14.69 -1.39
CA GLN A 283 4.49 16.07 -1.64
C GLN A 283 4.86 16.37 -3.10
N TYR A 284 4.86 15.36 -3.98
CA TYR A 284 5.23 15.52 -5.39
C TYR A 284 4.16 14.95 -6.33
N TYR A 285 2.90 15.37 -6.15
CA TYR A 285 1.81 14.91 -7.00
C TYR A 285 1.64 13.40 -6.95
N SER A 286 2.12 12.74 -5.90
CA SER A 286 2.02 11.29 -5.77
C SER A 286 2.56 10.57 -7.02
N PHE A 287 3.59 11.15 -7.62
CA PHE A 287 4.18 10.52 -8.79
C PHE A 287 4.94 9.26 -8.35
N THR A 288 5.12 8.33 -9.27
CA THR A 288 5.95 7.19 -8.92
C THR A 288 7.37 7.62 -9.27
N GLN A 289 8.37 6.88 -8.77
CA GLN A 289 9.74 7.22 -9.11
C GLN A 289 9.86 7.39 -10.62
N PHE A 290 9.24 6.48 -11.36
CA PHE A 290 9.24 6.52 -12.80
C PHE A 290 8.65 7.83 -13.33
N ALA A 291 7.46 8.19 -12.85
CA ALA A 291 6.83 9.43 -13.31
C ALA A 291 7.68 10.65 -13.00
N LEU A 292 8.50 10.58 -11.94
CA LEU A 292 9.34 11.71 -11.59
C LEU A 292 10.42 11.99 -12.61
N GLU A 293 10.76 11.01 -13.43
CA GLU A 293 11.83 11.15 -14.39
C GLU A 293 11.38 11.51 -15.80
N LEU A 294 10.08 11.45 -16.08
CA LEU A 294 9.59 11.70 -17.43
C LEU A 294 9.81 13.13 -17.90
N ASN A 295 9.66 14.12 -17.01
CA ASN A 295 9.80 15.50 -17.45
C ASN A 295 11.16 16.12 -17.11
N GLU A 296 12.13 15.32 -16.67
CA GLU A 296 13.44 15.86 -16.41
C GLU A 296 14.17 16.01 -17.74
N MET A 297 14.92 17.09 -17.87
CA MET A 297 15.71 17.33 -19.07
C MET A 297 17.18 17.30 -18.70
N ASP A 298 17.92 16.43 -19.38
CA ASP A 298 19.34 16.18 -19.19
C ASP A 298 20.17 16.94 -20.20
N PRO A 299 21.11 17.75 -19.71
CA PRO A 299 21.97 18.58 -20.57
C PRO A 299 22.46 17.99 -21.89
N SER A 300 22.87 16.72 -21.94
CA SER A 300 23.37 16.21 -23.22
C SER A 300 22.26 15.92 -24.21
N SER A 301 21.20 15.20 -23.78
CA SER A 301 20.11 14.88 -24.71
C SER A 301 19.34 16.11 -25.20
N LYS A 302 19.46 17.25 -24.49
CA LYS A 302 18.75 18.47 -24.88
C LYS A 302 19.02 18.84 -26.33
N SER A 303 20.26 18.67 -26.79
CA SER A 303 20.61 18.99 -28.17
C SER A 303 19.91 18.05 -29.17
N LEU A 304 19.71 16.78 -28.80
CA LEU A 304 19.06 15.80 -29.68
C LEU A 304 17.54 15.90 -29.71
N LEU A 305 16.92 16.62 -28.79
CA LEU A 305 15.46 16.68 -28.80
C LEU A 305 14.93 17.61 -29.90
N PRO A 306 13.70 17.37 -30.34
CA PRO A 306 13.09 18.27 -31.28
C PRO A 306 12.36 19.35 -30.49
N PRO A 307 12.27 20.59 -31.01
CA PRO A 307 11.61 21.66 -30.25
C PRO A 307 10.14 21.41 -29.92
N THR A 308 9.51 20.38 -30.46
CA THR A 308 8.12 20.07 -30.14
C THR A 308 8.00 19.13 -28.95
N ASP A 309 9.12 18.79 -28.31
CA ASP A 309 9.09 17.83 -27.22
C ASP A 309 8.61 18.52 -25.95
N THR A 310 7.77 17.81 -25.21
CA THR A 310 7.13 18.32 -24.00
C THR A 310 8.06 18.94 -22.95
N ARG A 311 9.30 18.44 -22.76
CA ARG A 311 10.12 19.05 -21.71
C ARG A 311 10.34 20.54 -22.02
N PHE A 312 10.12 20.91 -23.29
CA PHE A 312 10.26 22.30 -23.72
C PHE A 312 9.03 23.14 -23.38
N ARG A 313 7.80 22.56 -23.39
CA ARG A 313 6.55 23.25 -23.08
C ARG A 313 6.69 24.13 -21.83
N PRO A 314 6.57 25.46 -22.00
CA PRO A 314 6.81 26.38 -20.86
C PRO A 314 5.79 26.35 -19.72
N ASP A 315 4.48 26.30 -19.99
CA ASP A 315 3.49 26.31 -18.91
C ASP A 315 3.64 25.09 -18.00
N GLN A 316 3.85 23.91 -18.60
CA GLN A 316 4.03 22.69 -17.82
C GLN A 316 5.27 22.78 -16.93
N ARG A 317 6.39 23.26 -17.50
CA ARG A 317 7.61 23.41 -16.71
C ARG A 317 7.45 24.43 -15.59
N PHE A 318 6.85 25.59 -15.89
CA PHE A 318 6.62 26.54 -14.83
C PHE A 318 5.78 25.90 -13.72
N LEU A 319 4.87 24.99 -14.10
CA LEU A 319 4.06 24.31 -13.09
C LEU A 319 4.95 23.47 -12.18
N GLU A 320 5.89 22.71 -12.77
CA GLU A 320 6.79 21.91 -11.94
C GLU A 320 7.57 22.81 -10.99
N GLU A 321 8.00 23.96 -11.49
CA GLU A 321 8.78 24.90 -10.71
C GLU A 321 7.92 25.69 -9.74
N GLY A 322 6.64 25.33 -9.59
CA GLY A 322 5.76 26.02 -8.65
C GLY A 322 5.43 27.46 -8.99
N ASN A 323 5.49 27.84 -10.26
CA ASN A 323 5.18 29.21 -10.69
C ASN A 323 3.80 29.19 -11.34
N LEU A 324 2.76 29.29 -10.50
CA LEU A 324 1.39 29.21 -10.99
C LEU A 324 0.99 30.37 -11.90
N GLU A 325 1.39 31.59 -11.55
CA GLU A 325 0.94 32.72 -12.37
C GLU A 325 1.54 32.63 -13.77
N GLU A 326 2.85 32.45 -13.85
CA GLU A 326 3.47 32.41 -15.15
C GLU A 326 3.08 31.15 -15.92
N ALA A 327 2.70 30.09 -15.21
CA ALA A 327 2.22 28.88 -15.87
C ALA A 327 0.89 29.15 -16.54
N GLU A 328 -0.01 29.85 -15.85
CA GLU A 328 -1.31 30.17 -16.43
C GLU A 328 -1.16 31.10 -17.63
N ILE A 329 -0.25 32.09 -17.52
CA ILE A 329 -0.02 33.00 -18.62
C ILE A 329 0.40 32.23 -19.87
N GLN A 330 1.40 31.35 -19.69
CA GLN A 330 1.88 30.59 -20.83
C GLN A 330 0.80 29.69 -21.41
N LYS A 331 -0.03 29.08 -20.57
CA LYS A 331 -1.08 28.20 -21.09
C LYS A 331 -2.05 28.97 -21.98
N GLN A 332 -2.59 30.08 -21.49
CA GLN A 332 -3.54 30.82 -22.32
C GLN A 332 -2.88 31.32 -23.60
N ARG A 333 -1.60 31.70 -23.53
CA ARG A 333 -0.93 32.13 -24.74
C ARG A 333 -0.79 30.97 -25.73
N ILE A 334 -0.47 29.76 -25.24
CA ILE A 334 -0.33 28.60 -26.11
C ILE A 334 -1.67 28.25 -26.72
N GLU A 335 -2.76 28.44 -25.96
CA GLU A 335 -4.08 28.15 -26.51
C GLU A 335 -4.43 29.09 -27.65
N GLN A 336 -4.15 30.39 -27.46
CA GLN A 336 -4.43 31.36 -28.51
C GLN A 336 -3.60 31.04 -29.75
N LEU A 337 -2.34 30.65 -29.54
CA LEU A 337 -1.49 30.29 -30.67
C LEU A 337 -2.02 29.09 -31.42
N GLN A 338 -2.44 28.06 -30.69
CA GLN A 338 -2.98 26.86 -31.33
C GLN A 338 -4.23 27.18 -32.12
N ARG A 339 -5.09 28.05 -31.57
CA ARG A 339 -6.30 28.41 -32.28
C ARG A 339 -5.96 29.15 -33.56
N GLU A 340 -5.01 30.08 -33.49
CA GLU A 340 -4.71 30.85 -34.68
C GLU A 340 -4.04 29.96 -35.74
N ARG A 341 -3.34 28.91 -35.32
CA ARG A 341 -2.73 28.01 -36.28
C ARG A 341 -3.76 27.10 -36.95
N ARG A 342 -4.71 26.56 -36.17
CA ARG A 342 -5.74 25.75 -36.82
C ARG A 342 -6.59 26.63 -37.71
N ARG A 343 -6.60 27.92 -37.39
CA ARG A 343 -7.29 28.93 -38.17
C ARG A 343 -6.66 29.06 -39.54
N VAL A 344 -5.36 29.37 -39.56
CA VAL A 344 -4.67 29.51 -40.83
C VAL A 344 -4.72 28.20 -41.61
N LEU A 345 -4.57 27.06 -40.94
CA LEU A 345 -4.62 25.80 -41.67
C LEU A 345 -6.00 25.55 -42.27
N GLU A 346 -7.07 25.92 -41.57
CA GLU A 346 -8.32 25.66 -42.26
C GLU A 346 -8.76 26.76 -43.21
N GLU A 347 -8.10 27.90 -43.22
CA GLU A 347 -8.57 28.82 -44.22
C GLU A 347 -8.04 28.40 -45.58
N ASN A 348 -7.06 27.46 -45.63
CA ASN A 348 -6.55 26.98 -46.89
C ASN A 348 -7.16 25.63 -47.26
N HIS A 349 -8.16 25.17 -46.51
CA HIS A 349 -8.85 23.90 -46.75
C HIS A 349 -7.93 22.68 -46.64
N VAL A 350 -6.80 22.79 -45.95
CA VAL A 350 -5.83 21.70 -45.81
C VAL A 350 -5.97 21.02 -44.45
N GLU A 351 -6.19 19.70 -44.46
CA GLU A 351 -6.26 18.93 -43.23
C GLU A 351 -4.86 18.89 -42.62
N HIS A 352 -4.78 18.71 -41.30
CA HIS A 352 -3.47 18.65 -40.67
C HIS A 352 -2.88 17.25 -40.78
N GLN A 353 -1.58 17.18 -41.04
CA GLN A 353 -0.92 15.90 -41.05
C GLN A 353 0.14 15.86 -39.97
N PRO A 354 0.06 14.86 -39.11
CA PRO A 354 1.06 14.69 -38.06
C PRO A 354 2.36 14.25 -38.69
N ARG A 355 3.45 14.57 -38.01
CA ARG A 355 4.79 14.31 -38.51
C ARG A 355 5.33 12.89 -38.37
N PHE A 356 5.01 12.17 -37.31
CA PHE A 356 5.58 10.85 -37.16
C PHE A 356 4.60 9.69 -37.19
N PHE A 357 3.31 9.94 -37.33
CA PHE A 357 2.34 8.87 -37.37
C PHE A 357 1.44 9.03 -38.59
N ARG A 358 1.26 7.94 -39.30
CA ARG A 358 0.37 7.88 -40.44
C ARG A 358 -0.88 7.16 -39.95
N LYS A 359 -1.98 7.41 -40.63
CA LYS A 359 -3.24 6.81 -40.21
C LYS A 359 -3.50 5.53 -40.98
N SER A 360 -3.32 4.39 -40.32
CA SER A 360 -3.69 3.14 -40.96
C SER A 360 -5.15 3.03 -40.55
N ASP A 361 -5.88 2.00 -41.02
CA ASP A 361 -7.36 1.95 -40.94
C ASP A 361 -8.05 2.99 -40.06
N GLY A 362 -7.92 2.91 -38.75
CA GLY A 362 -8.57 3.94 -37.97
C GLY A 362 -7.59 4.43 -36.93
N SER A 363 -6.51 3.67 -36.80
CA SER A 363 -5.50 3.94 -35.80
C SER A 363 -4.37 4.79 -36.37
N TRP A 364 -3.58 5.32 -35.43
CA TRP A 364 -2.40 6.14 -35.73
C TRP A 364 -1.19 5.28 -35.41
N VAL A 365 -0.40 4.95 -36.43
CA VAL A 365 0.76 4.11 -36.25
C VAL A 365 2.00 4.84 -36.73
N SER A 366 3.15 4.44 -36.20
CA SER A 366 4.43 5.05 -36.57
C SER A 366 4.70 4.91 -38.06
N ASN A 367 5.24 5.98 -38.66
CA ASN A 367 5.61 5.97 -40.08
C ASN A 367 7.11 5.73 -40.27
N GLY A 368 7.76 5.21 -39.23
CA GLY A 368 9.19 4.88 -39.23
C GLY A 368 10.12 6.02 -39.52
N THR A 369 9.86 7.20 -38.96
CA THR A 369 10.72 8.34 -39.21
C THR A 369 11.28 9.03 -37.96
N TYR A 370 10.76 8.76 -36.77
CA TYR A 370 11.28 9.49 -35.60
C TYR A 370 12.73 9.20 -35.25
N LEU A 371 13.03 7.96 -34.85
CA LEU A 371 14.39 7.61 -34.44
C LEU A 371 15.38 7.81 -35.57
N GLU A 372 14.99 7.40 -36.78
CA GLU A 372 15.81 7.55 -37.97
C GLU A 372 16.30 8.98 -38.12
N LEU A 373 15.37 9.95 -38.03
CA LEU A 373 15.72 11.36 -38.14
C LEU A 373 16.38 11.89 -36.87
N ARG A 374 16.25 11.18 -35.75
CA ARG A 374 16.92 11.63 -34.54
C ARG A 374 18.41 11.34 -34.61
N LYS A 375 18.79 10.32 -35.40
CA LYS A 375 20.18 9.91 -35.58
C LYS A 375 21.12 11.07 -35.89
N ASP A 376 22.25 11.11 -35.16
CA ASP A 376 23.34 12.10 -35.26
C ASP A 376 22.84 13.54 -35.40
N LEU A 377 22.14 14.01 -34.36
CA LEU A 377 21.62 15.38 -34.31
C LEU A 377 20.86 15.77 -35.59
N GLY A 378 20.28 14.77 -36.26
CA GLY A 378 19.56 15.02 -37.51
C GLY A 378 18.37 15.96 -37.37
N PHE A 379 17.80 16.06 -36.17
CA PHE A 379 16.66 16.97 -35.98
C PHE A 379 17.05 18.42 -36.24
N SER A 380 18.33 18.76 -35.97
CA SER A 380 18.84 20.12 -36.14
C SER A 380 18.77 20.63 -37.57
N LYS A 381 18.83 19.73 -38.56
CA LYS A 381 18.81 20.15 -39.96
C LYS A 381 17.43 20.60 -40.46
N LEU A 382 16.34 20.02 -39.97
CA LEU A 382 14.98 20.36 -40.37
C LEU A 382 14.39 21.37 -39.40
N ASP A 383 13.20 21.86 -39.70
CA ASP A 383 12.55 22.76 -38.74
C ASP A 383 11.09 22.36 -38.65
N HIS A 384 10.59 22.42 -37.43
CA HIS A 384 9.33 21.97 -36.88
C HIS A 384 8.31 23.07 -36.57
N PRO A 385 7.04 22.70 -36.33
CA PRO A 385 6.05 23.71 -35.98
C PRO A 385 6.41 24.37 -34.66
N VAL A 386 6.15 25.67 -34.53
CA VAL A 386 6.45 26.36 -33.29
C VAL A 386 5.13 26.38 -32.52
N LEU A 387 5.10 25.67 -31.40
CA LEU A 387 3.91 25.58 -30.57
C LEU A 387 3.98 26.51 -29.37
N TRP A 388 5.12 27.16 -29.16
CA TRP A 388 5.32 28.10 -28.07
C TRP A 388 6.42 29.08 -28.46
N SER B 12 -16.39 10.76 22.38
CA SER B 12 -17.19 11.24 21.26
C SER B 12 -16.60 10.79 19.94
N ARG B 13 -15.51 11.48 19.60
CA ARG B 13 -14.77 11.29 18.37
C ARG B 13 -13.36 10.86 18.67
N ARG B 14 -12.98 9.68 18.22
CA ARG B 14 -11.62 9.25 18.47
C ARG B 14 -10.70 10.13 17.64
N ARG B 15 -9.57 10.50 18.23
CA ARG B 15 -8.62 11.37 17.57
C ARG B 15 -8.03 10.73 16.31
N THR B 16 -7.52 11.58 15.42
CA THR B 16 -6.88 11.13 14.19
C THR B 16 -5.45 11.62 14.14
N SER B 17 -5.02 12.39 15.15
CA SER B 17 -3.66 12.88 15.17
C SER B 17 -3.16 13.02 16.61
N LEU B 18 -1.85 13.10 16.75
CA LEU B 18 -1.14 13.30 18.00
C LEU B 18 -0.87 14.78 18.18
N PRO B 19 -0.63 15.25 19.41
CA PRO B 19 -0.38 16.70 19.60
C PRO B 19 0.91 17.18 18.94
N ALA B 20 1.82 16.30 18.57
CA ALA B 20 3.07 16.68 17.94
C ALA B 20 3.47 15.62 16.93
N PRO B 21 4.20 16.01 15.89
CA PRO B 21 4.62 15.04 14.87
C PRO B 21 5.83 14.23 15.31
N SER B 22 5.96 13.05 14.71
CA SER B 22 7.06 12.15 15.02
C SER B 22 8.40 12.84 14.75
N PRO B 23 9.44 12.50 15.54
CA PRO B 23 10.75 13.19 15.47
C PRO B 23 11.44 13.34 14.11
N SER B 24 11.39 12.33 13.25
CA SER B 24 12.04 12.37 11.92
C SER B 24 13.57 12.17 11.99
N SER B 25 14.04 11.26 12.86
CA SER B 25 15.45 10.84 12.94
C SER B 25 16.69 11.64 13.36
N SER B 26 17.10 11.45 14.61
CA SER B 26 18.37 11.91 15.17
C SER B 26 19.11 10.56 15.29
N ASN B 27 19.70 10.13 14.16
CA ASN B 27 20.30 8.78 13.99
C ASN B 27 21.60 8.53 14.76
N ILE B 28 22.57 9.44 14.70
CA ILE B 28 23.91 9.24 15.26
C ILE B 28 24.00 8.52 16.62
N SER B 29 23.02 8.71 17.51
CA SER B 29 23.11 8.05 18.81
C SER B 29 23.05 6.52 18.72
N LEU B 30 22.13 5.99 17.92
CA LEU B 30 21.95 4.53 17.74
C LEU B 30 23.20 3.65 17.74
N TRP B 31 24.12 3.93 16.82
CA TRP B 31 25.30 3.08 16.62
C TRP B 31 26.06 2.79 17.90
N ASN B 32 26.44 3.81 18.67
CA ASN B 32 27.21 3.51 19.87
C ASN B 32 26.38 2.73 20.89
N ILE B 33 25.09 3.05 21.00
CA ILE B 33 24.20 2.38 21.95
C ILE B 33 24.21 0.87 21.75
N LEU B 34 24.04 0.43 20.51
CA LEU B 34 23.95 -1.02 20.32
C LEU B 34 25.24 -1.72 19.96
N ARG B 35 26.23 -1.00 19.47
CA ARG B 35 27.49 -1.59 19.06
C ARG B 35 28.11 -2.42 20.17
N ASN B 36 28.01 -1.94 21.39
CA ASN B 36 28.58 -2.55 22.57
C ASN B 36 27.71 -3.62 23.17
N ASN B 37 26.71 -4.10 22.43
CA ASN B 37 25.82 -5.12 22.97
C ASN B 37 25.47 -6.22 21.98
N ILE B 38 26.26 -6.40 20.91
CA ILE B 38 25.97 -7.46 19.96
C ILE B 38 25.94 -8.80 20.70
N GLY B 39 24.87 -9.56 20.50
CA GLY B 39 24.70 -10.86 21.12
C GLY B 39 24.34 -10.86 22.59
N LYS B 40 23.97 -9.73 23.16
CA LYS B 40 23.60 -9.66 24.56
C LYS B 40 22.09 -9.44 24.71
N ASP B 41 21.61 -9.68 25.93
CA ASP B 41 20.19 -9.54 26.28
C ASP B 41 19.79 -8.08 26.30
N LEU B 42 19.19 -7.60 25.20
CA LEU B 42 18.78 -6.21 25.13
C LEU B 42 17.68 -5.86 26.13
N SER B 43 17.03 -6.85 26.76
CA SER B 43 15.99 -6.53 27.74
C SER B 43 16.58 -5.95 29.03
N LYS B 44 17.88 -6.14 29.29
CA LYS B 44 18.48 -5.62 30.51
C LYS B 44 19.30 -4.35 30.26
N VAL B 45 19.17 -3.74 29.09
CA VAL B 45 19.90 -2.53 28.73
C VAL B 45 18.91 -1.38 28.54
N ALA B 46 19.10 -0.29 29.30
CA ALA B 46 18.20 0.85 29.17
C ALA B 46 18.57 1.64 27.93
N MET B 47 17.57 2.21 27.28
CA MET B 47 17.78 2.95 26.04
C MET B 47 17.14 4.32 26.11
N PRO B 48 17.57 5.24 25.24
CA PRO B 48 16.99 6.58 25.26
C PRO B 48 15.52 6.50 24.90
N VAL B 49 14.74 7.45 25.43
CA VAL B 49 13.32 7.46 25.18
C VAL B 49 13.00 7.85 23.73
N GLU B 50 13.88 8.57 23.04
CA GLU B 50 13.57 9.00 21.67
C GLU B 50 13.46 7.85 20.68
N LEU B 51 14.00 6.67 20.98
CA LEU B 51 13.85 5.59 20.01
C LEU B 51 12.46 4.95 20.08
N ASN B 52 11.64 5.35 21.04
CA ASN B 52 10.33 4.79 21.25
C ASN B 52 9.23 5.55 20.49
N GLU B 53 8.07 4.88 20.37
CA GLU B 53 6.77 5.27 19.86
C GLU B 53 5.84 5.36 21.09
N PRO B 54 4.86 6.26 21.10
CA PRO B 54 3.99 6.37 22.28
C PRO B 54 3.01 5.21 22.51
N LEU B 55 3.51 3.97 22.51
CA LEU B 55 2.70 2.78 22.74
C LEU B 55 3.60 1.73 23.40
N ASN B 56 3.04 0.92 24.31
CA ASN B 56 3.85 -0.08 25.00
C ASN B 56 3.47 -1.47 24.52
N THR B 57 4.12 -2.50 25.07
CA THR B 57 3.84 -3.83 24.58
C THR B 57 2.41 -4.27 24.88
N LEU B 58 1.77 -3.71 25.92
CA LEU B 58 0.38 -4.06 26.20
C LEU B 58 -0.52 -3.53 25.12
N GLN B 59 -0.27 -2.27 24.71
CA GLN B 59 -1.04 -1.66 23.65
C GLN B 59 -0.80 -2.38 22.32
N ARG B 60 0.45 -2.81 22.07
CA ARG B 60 0.70 -3.54 20.84
C ARG B 60 -0.06 -4.85 20.86
N LEU B 61 -0.22 -5.45 22.05
CA LEU B 61 -1.04 -6.67 22.13
C LEU B 61 -2.47 -6.36 21.69
N CYS B 62 -3.02 -5.24 22.17
CA CYS B 62 -4.39 -4.87 21.78
C CYS B 62 -4.47 -4.53 20.32
N GLU B 63 -3.32 -4.30 19.70
CA GLU B 63 -3.37 -3.86 18.32
C GLU B 63 -3.81 -5.05 17.48
N GLU B 64 -3.51 -6.26 17.95
CA GLU B 64 -3.88 -7.52 17.31
C GLU B 64 -5.39 -7.74 17.17
N LEU B 65 -6.20 -6.79 17.64
CA LEU B 65 -7.65 -6.89 17.51
C LEU B 65 -8.20 -5.89 16.50
N GLU B 66 -7.35 -5.27 15.68
CA GLU B 66 -7.87 -4.31 14.71
C GLU B 66 -8.90 -4.96 13.79
N TYR B 67 -8.67 -6.21 13.44
CA TYR B 67 -9.54 -6.95 12.54
C TYR B 67 -10.40 -7.96 13.30
N SER B 68 -10.94 -7.57 14.47
CA SER B 68 -11.78 -8.49 15.24
C SER B 68 -13.04 -8.87 14.49
N GLU B 69 -13.45 -8.08 13.50
CA GLU B 69 -14.62 -8.45 12.70
C GLU B 69 -14.42 -9.82 12.07
N LEU B 70 -13.17 -10.22 11.83
CA LEU B 70 -12.89 -11.55 11.28
C LEU B 70 -13.46 -12.62 12.20
N LEU B 71 -13.34 -12.43 13.53
CA LEU B 71 -13.89 -13.42 14.45
C LEU B 71 -15.41 -13.32 14.48
N ASP B 72 -15.94 -12.10 14.42
CA ASP B 72 -17.39 -11.97 14.39
C ASP B 72 -17.97 -12.80 13.26
N LYS B 73 -17.41 -12.69 12.05
CA LYS B 73 -17.96 -13.45 10.95
C LYS B 73 -17.75 -14.93 11.19
N ALA B 74 -16.58 -15.31 11.72
CA ALA B 74 -16.39 -16.73 11.97
C ALA B 74 -17.38 -17.24 13.00
N ALA B 75 -17.93 -16.35 13.84
CA ALA B 75 -18.90 -16.77 14.84
C ALA B 75 -20.27 -17.04 14.25
N GLN B 76 -20.39 -16.94 12.92
CA GLN B 76 -21.65 -17.17 12.24
C GLN B 76 -21.54 -18.21 11.12
N ILE B 77 -20.43 -18.91 11.02
CA ILE B 77 -20.22 -19.89 9.97
C ILE B 77 -20.33 -21.28 10.61
N PRO B 78 -21.38 -22.04 10.29
CA PRO B 78 -21.56 -23.36 10.92
C PRO B 78 -20.47 -24.38 10.62
N SER B 79 -19.64 -24.19 9.59
CA SER B 79 -18.62 -25.17 9.24
C SER B 79 -17.33 -24.96 10.02
N PRO B 80 -16.80 -25.98 10.71
CA PRO B 80 -15.51 -25.80 11.40
C PRO B 80 -14.36 -25.50 10.44
N LEU B 81 -14.37 -26.06 9.22
CA LEU B 81 -13.32 -25.80 8.23
C LEU B 81 -13.30 -24.34 7.80
N GLU B 82 -14.46 -23.80 7.42
CA GLU B 82 -14.51 -22.40 7.03
C GLU B 82 -14.19 -21.49 8.21
N ARG B 83 -14.64 -21.89 9.40
CA ARG B 83 -14.34 -21.10 10.57
C ARG B 83 -12.83 -21.01 10.73
N MET B 84 -12.16 -22.15 10.51
CA MET B 84 -10.69 -22.18 10.60
C MET B 84 -10.07 -21.23 9.59
N VAL B 85 -10.68 -21.11 8.40
CA VAL B 85 -10.16 -20.18 7.39
C VAL B 85 -10.18 -18.75 7.94
N TYR B 86 -11.30 -18.36 8.54
CA TYR B 86 -11.38 -16.99 9.06
C TYR B 86 -10.46 -16.79 10.27
N VAL B 87 -10.30 -17.81 11.12
CA VAL B 87 -9.42 -17.64 12.28
C VAL B 87 -7.97 -17.53 11.80
N ALA B 88 -7.63 -18.26 10.74
CA ALA B 88 -6.29 -18.19 10.17
C ALA B 88 -6.04 -16.77 9.65
N ALA B 89 -7.07 -16.19 9.00
CA ALA B 89 -6.90 -14.83 8.52
C ALA B 89 -6.69 -13.88 9.69
N PHE B 90 -7.41 -14.08 10.79
CA PHE B 90 -7.22 -13.20 11.96
C PHE B 90 -5.79 -13.27 12.48
N ALA B 91 -5.26 -14.51 12.56
CA ALA B 91 -3.90 -14.72 13.03
C ALA B 91 -2.91 -13.97 12.15
N ILE B 92 -3.10 -14.07 10.83
CA ILE B 92 -2.21 -13.35 9.92
C ILE B 92 -2.40 -11.85 10.07
N SER B 93 -3.65 -11.40 10.25
CA SER B 93 -3.94 -9.97 10.36
C SER B 93 -3.19 -9.32 11.49
N ALA B 94 -2.77 -10.11 12.48
CA ALA B 94 -2.02 -9.52 13.60
C ALA B 94 -0.69 -8.84 13.17
N TYR B 95 -0.14 -9.19 12.01
CA TYR B 95 1.13 -8.66 11.54
C TYR B 95 1.05 -7.50 10.55
N ALA B 96 -0.11 -7.17 10.02
CA ALA B 96 -0.19 -6.14 8.99
C ALA B 96 0.32 -4.78 9.45
N SER B 97 0.00 -4.38 10.68
CA SER B 97 0.39 -3.05 11.14
C SER B 97 1.90 -2.86 11.29
N SER B 98 2.64 -3.93 11.52
CA SER B 98 4.08 -3.81 11.71
C SER B 98 4.83 -3.43 10.45
N TYR B 99 4.18 -3.46 9.29
CA TYR B 99 4.89 -3.16 8.05
C TYR B 99 5.51 -1.77 8.02
N TYR B 100 4.82 -0.73 8.50
CA TYR B 100 5.47 0.55 8.32
C TYR B 100 6.06 1.05 9.63
N ARG B 101 6.39 0.15 10.56
CA ARG B 101 6.90 0.57 11.86
C ARG B 101 8.16 -0.20 12.24
N ALA B 102 9.13 -0.27 11.33
CA ALA B 102 10.38 -0.98 11.63
C ALA B 102 11.27 -0.16 12.58
N GLY B 103 11.55 1.11 12.23
CA GLY B 103 12.41 1.98 13.03
C GLY B 103 11.77 2.49 14.31
N SER B 104 10.77 1.75 14.77
CA SER B 104 10.00 2.05 15.97
C SER B 104 10.18 0.93 16.97
N LYS B 105 10.25 1.32 18.24
CA LYS B 105 10.39 0.43 19.36
C LYS B 105 9.30 0.79 20.37
N PRO B 106 8.70 -0.18 21.03
CA PRO B 106 7.67 0.13 22.01
C PRO B 106 8.24 0.35 23.40
N PHE B 107 7.44 1.01 24.24
CA PHE B 107 7.81 1.26 25.63
C PHE B 107 7.78 -0.04 26.42
N ASN B 108 8.78 -0.22 27.27
CA ASN B 108 8.84 -1.40 28.13
C ASN B 108 7.94 -1.02 29.32
N PRO B 109 6.79 -1.68 29.48
CA PRO B 109 5.89 -1.29 30.58
C PRO B 109 6.49 -1.56 31.96
N VAL B 110 6.06 -0.76 32.93
CA VAL B 110 6.50 -0.93 34.31
C VAL B 110 5.80 -2.13 34.91
N LEU B 111 6.51 -2.89 35.74
CA LEU B 111 5.92 -4.05 36.41
C LEU B 111 4.65 -3.61 37.12
N GLY B 112 3.53 -4.26 36.80
CA GLY B 112 2.24 -3.90 37.40
C GLY B 112 1.43 -2.92 36.58
N GLU B 113 2.01 -2.34 35.53
CA GLU B 113 1.26 -1.44 34.68
C GLU B 113 0.10 -2.20 34.03
N THR B 114 -0.96 -1.49 33.73
CA THR B 114 -2.13 -2.09 33.10
C THR B 114 -2.55 -1.21 31.95
N TYR B 115 -3.35 -1.80 31.06
CA TYR B 115 -3.89 -1.10 29.90
C TYR B 115 -5.23 -1.71 29.49
N GLU B 116 -6.24 -0.85 29.32
CA GLU B 116 -7.56 -1.29 28.93
C GLU B 116 -8.05 -0.53 27.70
N CYS B 117 -9.02 -1.15 27.04
CA CYS B 117 -9.64 -0.57 25.84
C CYS B 117 -11.03 -1.17 25.78
N ILE B 118 -12.04 -0.38 26.11
CA ILE B 118 -13.40 -0.82 26.03
C ILE B 118 -13.88 -0.22 24.72
N ARG B 119 -13.95 -1.04 23.68
CA ARG B 119 -14.38 -0.61 22.36
C ARG B 119 -15.80 -1.05 22.08
N GLU B 120 -16.71 -0.08 22.14
CA GLU B 120 -18.12 -0.42 21.92
C GLU B 120 -18.43 -0.54 20.43
N ASP B 121 -17.65 0.13 19.59
CA ASP B 121 -17.88 0.02 18.15
C ASP B 121 -17.55 -1.39 17.67
N LYS B 122 -16.51 -2.01 18.23
CA LYS B 122 -16.11 -3.36 17.86
C LYS B 122 -16.68 -4.41 18.79
N GLY B 123 -17.43 -4.00 19.81
CA GLY B 123 -18.03 -4.95 20.75
C GLY B 123 -17.05 -5.76 21.59
N PHE B 124 -15.94 -5.17 22.03
CA PHE B 124 -15.04 -5.96 22.85
C PHE B 124 -14.48 -5.13 24.00
N GLN B 125 -14.21 -5.83 25.10
CA GLN B 125 -13.64 -5.25 26.30
C GLN B 125 -12.28 -5.90 26.47
N PHE B 126 -11.22 -5.10 26.40
CA PHE B 126 -9.85 -5.56 26.48
C PHE B 126 -9.12 -4.99 27.70
N PHE B 127 -8.30 -5.82 28.34
CA PHE B 127 -7.47 -5.39 29.48
C PHE B 127 -6.19 -6.22 29.48
N SER B 128 -5.15 -5.67 30.10
CA SER B 128 -3.85 -6.31 30.10
C SER B 128 -2.99 -5.80 31.24
N GLU B 129 -2.00 -6.62 31.60
CA GLU B 129 -1.09 -6.32 32.69
C GLU B 129 0.32 -6.82 32.42
N GLN B 130 1.31 -6.03 32.89
CA GLN B 130 2.73 -6.41 32.80
C GLN B 130 2.98 -7.32 33.99
N VAL B 131 2.87 -8.62 33.75
CA VAL B 131 2.98 -9.54 34.86
C VAL B 131 4.39 -9.78 35.32
N SER B 132 5.40 -9.42 34.54
CA SER B 132 6.77 -9.65 34.95
C SER B 132 7.67 -8.69 34.20
N HIS B 133 8.70 -8.23 34.87
CA HIS B 133 9.67 -7.31 34.33
C HIS B 133 11.00 -7.99 34.05
N HIS B 134 11.39 -8.95 34.91
CA HIS B 134 12.61 -9.72 34.76
C HIS B 134 12.27 -11.21 34.73
N PRO B 135 12.05 -11.78 33.54
CA PRO B 135 12.08 -11.13 32.23
C PRO B 135 10.78 -10.38 31.97
N PRO B 136 10.71 -9.55 30.94
CA PRO B 136 9.45 -8.83 30.66
C PRO B 136 8.41 -9.77 30.07
N ILE B 137 7.19 -9.69 30.59
CA ILE B 137 6.08 -10.53 30.12
C ILE B 137 4.77 -9.74 30.15
N SER B 138 4.02 -9.80 29.04
CA SER B 138 2.75 -9.11 28.97
C SER B 138 1.60 -10.10 28.75
N ALA B 139 0.50 -9.92 29.52
CA ALA B 139 -0.70 -10.75 29.38
C ALA B 139 -1.90 -9.87 29.07
N CYS B 140 -2.84 -10.43 28.29
CA CYS B 140 -4.04 -9.69 27.92
C CYS B 140 -5.22 -10.63 27.80
N HIS B 141 -6.40 -10.03 27.84
CA HIS B 141 -7.66 -10.73 27.79
C HIS B 141 -8.72 -9.81 27.19
N ALA B 142 -9.59 -10.37 26.35
CA ALA B 142 -10.65 -9.60 25.70
C ALA B 142 -11.93 -10.43 25.63
N GLU B 143 -13.03 -9.83 26.11
CA GLU B 143 -14.36 -10.43 26.16
C GLU B 143 -15.25 -9.80 25.09
N SER B 144 -16.08 -10.64 24.47
CA SER B 144 -17.01 -10.18 23.46
C SER B 144 -18.17 -11.16 23.38
N ARG B 145 -19.31 -10.68 22.86
CA ARG B 145 -20.48 -11.55 22.72
C ARG B 145 -20.11 -12.77 21.90
N ASN B 146 -19.24 -12.58 20.91
CA ASN B 146 -18.90 -13.66 19.99
C ASN B 146 -17.61 -14.38 20.27
N PHE B 147 -16.73 -13.85 21.11
CA PHE B 147 -15.49 -14.57 21.29
C PHE B 147 -14.76 -14.07 22.52
N VAL B 148 -13.80 -14.89 22.93
CA VAL B 148 -12.88 -14.56 23.99
C VAL B 148 -11.49 -14.73 23.36
N PHE B 149 -10.63 -13.74 23.57
CA PHE B 149 -9.28 -13.72 23.02
C PHE B 149 -8.32 -13.45 24.15
N TRP B 150 -7.21 -14.18 24.21
CA TRP B 150 -6.27 -13.91 25.30
C TRP B 150 -4.91 -14.53 25.02
N GLN B 151 -3.88 -13.93 25.64
CA GLN B 151 -2.56 -14.48 25.43
C GLN B 151 -1.56 -13.97 26.45
N ASP B 152 -0.40 -14.61 26.37
CA ASP B 152 0.82 -14.48 27.16
C ASP B 152 1.97 -14.19 26.20
N VAL B 153 2.91 -13.30 26.54
CA VAL B 153 4.01 -13.07 25.60
C VAL B 153 5.30 -12.59 26.31
N ARG B 154 6.43 -13.21 25.92
CA ARG B 154 7.78 -12.91 26.37
C ARG B 154 8.68 -12.99 25.13
N TRP B 155 9.92 -12.50 25.21
CA TRP B 155 10.83 -12.45 24.06
C TRP B 155 12.23 -12.92 24.39
N LYS B 156 12.96 -13.44 23.41
CA LYS B 156 14.28 -13.87 23.80
C LYS B 156 14.90 -13.12 22.53
N ASN B 157 15.18 -11.80 22.57
CA ASN B 157 15.67 -11.10 21.37
C ASN B 157 17.20 -11.04 21.33
N LYS B 158 17.79 -11.27 20.14
CA LYS B 158 19.24 -11.21 20.03
C LYS B 158 19.65 -10.25 18.91
N PHE B 159 20.52 -9.29 19.24
CA PHE B 159 21.02 -8.30 18.29
C PHE B 159 22.21 -8.86 17.52
N TRP B 160 22.44 -8.34 16.32
CA TRP B 160 23.53 -8.82 15.45
C TRP B 160 24.14 -7.63 14.70
N GLY B 161 24.86 -7.94 13.61
CA GLY B 161 25.45 -6.93 12.76
C GLY B 161 24.43 -6.49 11.73
N LYS B 162 23.99 -5.23 11.85
CA LYS B 162 23.01 -4.59 10.97
C LYS B 162 21.57 -5.06 11.14
N SER B 163 21.30 -6.12 11.91
CA SER B 163 19.93 -6.56 12.05
C SER B 163 19.68 -7.13 13.45
N MET B 164 18.38 -7.16 13.81
CA MET B 164 17.88 -7.69 15.08
C MET B 164 16.72 -8.66 14.90
N GLU B 165 16.86 -9.82 15.53
CA GLU B 165 15.86 -10.88 15.44
C GLU B 165 14.99 -10.86 16.69
N ILE B 166 13.67 -10.91 16.51
CA ILE B 166 12.70 -10.85 17.62
C ILE B 166 11.93 -12.16 17.62
N VAL B 167 12.01 -12.90 18.72
CA VAL B 167 11.42 -14.23 18.85
C VAL B 167 10.40 -14.21 19.97
N PRO B 168 9.10 -14.15 19.65
CA PRO B 168 8.09 -14.15 20.71
C PRO B 168 7.80 -15.56 21.19
N ILE B 169 7.62 -15.70 22.49
CA ILE B 169 7.32 -16.96 23.16
C ILE B 169 5.95 -16.81 23.83
N GLY B 170 5.06 -17.75 23.58
CA GLY B 170 3.73 -17.72 24.17
C GLY B 170 2.66 -18.02 23.12
N THR B 171 1.62 -18.71 23.52
CA THR B 171 0.60 -19.05 22.55
C THR B 171 -0.60 -18.12 22.71
N THR B 172 -1.32 -17.96 21.62
CA THR B 172 -2.51 -17.12 21.53
C THR B 172 -3.75 -18.00 21.47
N HIS B 173 -4.82 -17.55 22.13
CA HIS B 173 -6.07 -18.31 22.22
C HIS B 173 -7.30 -17.50 21.79
N VAL B 174 -8.23 -18.23 21.18
CA VAL B 174 -9.52 -17.65 20.78
C VAL B 174 -10.61 -18.70 20.98
N THR B 175 -11.63 -18.33 21.73
CA THR B 175 -12.78 -19.18 21.92
C THR B 175 -13.95 -18.54 21.19
N LEU B 176 -14.83 -19.41 20.69
CA LEU B 176 -16.06 -19.04 20.01
C LEU B 176 -17.07 -19.86 20.82
N PRO B 177 -17.67 -19.24 21.82
CA PRO B 177 -18.59 -19.99 22.71
C PRO B 177 -19.73 -20.71 22.01
N VAL B 178 -20.40 -20.07 21.04
CA VAL B 178 -21.54 -20.71 20.38
C VAL B 178 -21.18 -22.08 19.82
N PHE B 179 -20.02 -22.23 19.22
CA PHE B 179 -19.61 -23.52 18.67
C PHE B 179 -18.71 -24.30 19.62
N GLY B 180 -18.39 -23.73 20.79
CA GLY B 180 -17.48 -24.39 21.70
C GLY B 180 -16.08 -24.49 21.15
N ASP B 181 -15.69 -23.56 20.30
CA ASP B 181 -14.34 -23.58 19.71
C ASP B 181 -13.28 -23.03 20.65
N HIS B 182 -12.09 -23.64 20.60
CA HIS B 182 -10.91 -23.20 21.36
C HIS B 182 -9.71 -23.33 20.42
N PHE B 183 -9.37 -22.24 19.74
CA PHE B 183 -8.24 -22.19 18.83
C PHE B 183 -6.98 -21.73 19.57
N GLU B 184 -5.87 -22.40 19.27
CA GLU B 184 -4.59 -22.08 19.87
C GLU B 184 -3.53 -22.05 18.77
N TRP B 185 -2.70 -21.01 18.77
CA TRP B 185 -1.64 -20.94 17.77
C TRP B 185 -0.43 -20.20 18.33
N ASN B 186 0.66 -20.26 17.58
CA ASN B 186 1.93 -19.67 18.00
C ASN B 186 2.32 -18.47 17.15
N LYS B 187 3.18 -17.63 17.72
CA LYS B 187 3.64 -16.48 16.97
C LYS B 187 4.89 -16.92 16.21
N VAL B 188 5.36 -16.07 15.30
CA VAL B 188 6.51 -16.56 14.56
C VAL B 188 7.67 -15.58 14.69
N THR B 189 8.76 -15.81 13.97
CA THR B 189 9.91 -14.95 14.14
C THR B 189 9.83 -13.70 13.28
N SER B 190 10.37 -12.61 13.82
CA SER B 190 10.45 -11.33 13.12
C SER B 190 11.92 -10.90 13.06
N CYS B 191 12.23 -10.03 12.11
CA CYS B 191 13.60 -9.55 11.94
C CYS B 191 13.60 -8.14 11.38
N ILE B 192 14.24 -7.23 12.10
CA ILE B 192 14.39 -5.84 11.68
C ILE B 192 15.75 -5.72 11.03
N HIS B 193 15.76 -5.31 9.78
CA HIS B 193 16.96 -5.11 8.99
C HIS B 193 17.19 -3.61 8.78
N ASN B 194 18.42 -3.35 8.34
CA ASN B 194 18.92 -2.03 8.00
C ASN B 194 19.20 -1.19 9.22
N ILE B 195 19.35 -1.77 10.39
CA ILE B 195 19.82 -0.88 11.42
C ILE B 195 21.27 -0.62 11.05
N LEU B 196 21.83 0.48 11.54
CA LEU B 196 23.20 0.91 11.28
C LEU B 196 23.31 1.64 9.92
N SER B 197 22.27 1.66 9.09
CA SER B 197 22.35 2.35 7.81
C SER B 197 20.97 2.43 7.17
N GLY B 198 20.61 3.62 6.71
CA GLY B 198 19.40 4.02 6.00
C GLY B 198 18.07 3.56 6.58
N GLN B 199 17.16 3.32 5.64
CA GLN B 199 15.76 2.91 5.84
C GLN B 199 15.62 1.52 6.48
N ARG B 200 14.99 1.47 7.67
CA ARG B 200 14.74 0.21 8.37
C ARG B 200 13.56 -0.52 7.76
N TRP B 201 13.58 -1.85 7.85
CA TRP B 201 12.45 -2.62 7.33
C TRP B 201 12.32 -3.89 8.16
N ILE B 202 11.13 -4.49 8.13
CA ILE B 202 10.86 -5.67 8.94
C ILE B 202 10.41 -6.84 8.09
N GLU B 203 10.75 -8.04 8.54
CA GLU B 203 10.42 -9.30 7.88
C GLU B 203 9.86 -10.26 8.93
N HIS B 204 8.92 -11.10 8.52
CA HIS B 204 8.33 -12.11 9.40
C HIS B 204 8.51 -13.44 8.71
N TYR B 205 9.00 -14.43 9.44
CA TYR B 205 9.22 -15.74 8.82
C TYR B 205 8.98 -16.87 9.82
N GLY B 206 8.58 -18.02 9.26
CA GLY B 206 8.33 -19.24 10.05
C GLY B 206 6.91 -19.76 9.88
N GLU B 207 6.61 -20.81 10.64
CA GLU B 207 5.33 -21.50 10.53
C GLU B 207 4.42 -21.32 11.75
N ILE B 208 3.16 -21.02 11.47
CA ILE B 208 2.10 -20.87 12.47
C ILE B 208 1.25 -22.12 12.41
N VAL B 209 1.10 -22.81 13.53
CA VAL B 209 0.25 -24.00 13.57
C VAL B 209 -0.97 -23.68 14.43
N ILE B 210 -2.16 -23.71 13.80
CA ILE B 210 -3.43 -23.42 14.48
C ILE B 210 -4.20 -24.71 14.70
N LYS B 211 -4.69 -24.89 15.92
CA LYS B 211 -5.47 -26.06 16.29
C LYS B 211 -6.69 -25.64 17.07
N ASN B 212 -7.77 -26.38 16.87
CA ASN B 212 -9.02 -26.19 17.59
C ASN B 212 -9.00 -27.35 18.59
N LEU B 213 -8.73 -27.06 19.86
CA LEU B 213 -8.66 -28.14 20.84
C LEU B 213 -9.97 -28.86 21.09
N HIS B 214 -11.11 -28.32 20.66
CA HIS B 214 -12.38 -28.99 20.91
C HIS B 214 -12.97 -29.65 19.65
N ASP B 215 -12.22 -29.69 18.53
CA ASP B 215 -12.70 -30.33 17.30
C ASP B 215 -11.48 -30.70 16.46
N ASP B 216 -11.14 -31.98 16.45
CA ASP B 216 -9.98 -32.44 15.72
C ASP B 216 -10.25 -32.70 14.24
N SER B 217 -11.39 -32.24 13.71
CA SER B 217 -11.69 -32.50 12.31
C SER B 217 -10.83 -31.69 11.34
N CYS B 218 -10.12 -30.66 11.78
CA CYS B 218 -9.26 -29.90 10.87
C CYS B 218 -8.23 -29.11 11.66
N TYR B 219 -7.10 -28.84 11.02
CA TYR B 219 -6.02 -28.03 11.59
C TYR B 219 -5.52 -27.11 10.48
N CYS B 220 -4.71 -26.11 10.84
CA CYS B 220 -4.22 -25.21 9.81
C CYS B 220 -2.74 -24.91 9.99
N LYS B 221 -2.04 -24.77 8.86
CA LYS B 221 -0.61 -24.46 8.83
C LYS B 221 -0.40 -23.25 7.93
N VAL B 222 0.25 -22.21 8.43
CA VAL B 222 0.50 -21.00 7.63
C VAL B 222 1.99 -20.74 7.64
N ASN B 223 2.59 -20.67 6.46
CA ASN B 223 4.02 -20.42 6.34
C ASN B 223 4.28 -19.00 5.86
N PHE B 224 5.03 -18.25 6.68
CA PHE B 224 5.50 -16.90 6.37
C PHE B 224 6.81 -17.18 5.66
N ILE B 225 6.80 -17.01 4.34
CA ILE B 225 7.96 -17.30 3.52
C ILE B 225 9.04 -16.24 3.71
N LYS B 226 10.29 -16.69 3.73
CA LYS B 226 11.46 -15.83 3.89
C LYS B 226 12.02 -15.58 2.50
N ALA B 227 11.97 -14.34 2.05
CA ALA B 227 12.44 -13.98 0.73
C ALA B 227 13.26 -12.69 0.80
N LYS B 228 13.83 -12.35 -0.34
CA LYS B 228 14.61 -11.14 -0.46
C LYS B 228 13.64 -9.97 -0.53
N TYR B 229 14.06 -8.81 -0.03
CA TYR B 229 13.12 -7.69 -0.08
C TYR B 229 12.81 -7.26 -1.49
N TRP B 230 13.60 -7.68 -2.47
CA TRP B 230 13.39 -7.34 -3.86
C TRP B 230 12.62 -8.42 -4.62
N SER B 231 12.30 -9.53 -3.97
CA SER B 231 11.57 -10.58 -4.64
C SER B 231 10.12 -10.23 -4.84
N THR B 232 9.55 -10.79 -5.91
CA THR B 232 8.15 -10.56 -6.24
C THR B 232 7.23 -11.08 -5.14
N ASN B 233 7.61 -12.19 -4.50
CA ASN B 233 6.80 -12.77 -3.43
C ASN B 233 7.26 -12.34 -2.03
N ALA B 234 7.76 -11.12 -1.87
CA ALA B 234 8.18 -10.67 -0.54
C ALA B 234 6.95 -10.48 0.35
N HIS B 235 7.08 -10.88 1.63
CA HIS B 235 6.00 -10.78 2.63
C HIS B 235 4.86 -11.74 2.33
N GLU B 236 5.17 -12.80 1.62
CA GLU B 236 4.18 -13.77 1.20
C GLU B 236 3.86 -14.77 2.29
N ILE B 237 2.62 -15.24 2.27
CA ILE B 237 2.14 -16.30 3.13
C ILE B 237 1.54 -17.35 2.22
N GLU B 238 1.71 -18.60 2.64
CA GLU B 238 1.17 -19.79 1.99
C GLU B 238 0.51 -20.60 3.10
N GLY B 239 -0.81 -20.73 3.05
CA GLY B 239 -1.42 -21.48 4.13
C GLY B 239 -2.28 -22.62 3.66
N THR B 240 -2.57 -23.56 4.55
CA THR B 240 -3.40 -24.72 4.22
C THR B 240 -4.25 -25.16 5.40
N VAL B 241 -5.55 -25.33 5.16
CA VAL B 241 -6.51 -25.86 6.11
C VAL B 241 -6.70 -27.32 5.74
N PHE B 242 -6.15 -28.23 6.56
CA PHE B 242 -6.23 -29.67 6.39
C PHE B 242 -7.31 -30.28 7.27
N ASP B 243 -7.81 -31.45 6.84
CA ASP B 243 -8.78 -32.17 7.65
C ASP B 243 -7.96 -33.17 8.46
N ARG B 244 -8.59 -33.96 9.33
CA ARG B 244 -7.81 -34.90 10.13
C ARG B 244 -7.03 -35.88 9.27
N SER B 245 -7.58 -36.26 8.11
CA SER B 245 -6.87 -37.17 7.23
C SER B 245 -5.58 -36.55 6.71
N GLY B 246 -5.45 -35.24 6.74
CA GLY B 246 -4.26 -34.56 6.24
C GLY B 246 -4.41 -34.06 4.82
N LYS B 247 -5.59 -34.21 4.23
CA LYS B 247 -5.86 -33.77 2.87
C LYS B 247 -6.21 -32.30 2.88
N ALA B 248 -5.54 -31.52 2.04
CA ALA B 248 -5.82 -30.10 1.95
C ALA B 248 -7.24 -29.85 1.47
N VAL B 249 -8.00 -29.02 2.20
CA VAL B 249 -9.36 -28.68 1.80
C VAL B 249 -9.48 -27.18 1.53
N HIS B 250 -8.65 -26.35 2.16
CA HIS B 250 -8.70 -24.92 1.83
C HIS B 250 -7.26 -24.41 1.71
N ARG B 251 -7.00 -23.55 0.72
CA ARG B 251 -5.66 -23.03 0.50
C ARG B 251 -5.64 -21.52 0.65
N LEU B 252 -4.68 -21.02 1.41
CA LEU B 252 -4.56 -19.59 1.65
C LEU B 252 -3.37 -19.04 0.91
N PHE B 253 -3.51 -17.85 0.35
CA PHE B 253 -2.38 -17.31 -0.36
C PHE B 253 -2.43 -15.80 -0.30
N GLY B 254 -1.26 -15.16 -0.20
CA GLY B 254 -1.33 -13.71 -0.21
C GLY B 254 -0.08 -13.09 0.40
N LYS B 255 -0.23 -11.82 0.74
CA LYS B 255 0.84 -11.07 1.38
C LYS B 255 0.30 -10.56 2.72
N TRP B 256 1.08 -10.82 3.78
CA TRP B 256 0.68 -10.50 5.15
C TRP B 256 0.49 -9.02 5.42
N HIS B 257 0.96 -8.13 4.54
CA HIS B 257 0.71 -6.72 4.77
C HIS B 257 -0.37 -6.17 3.84
N GLU B 258 -0.81 -6.92 2.83
CA GLU B 258 -1.84 -6.33 2.00
C GLU B 258 -3.11 -7.16 1.90
N SER B 259 -3.07 -8.40 1.40
CA SER B 259 -4.32 -9.16 1.23
C SER B 259 -4.13 -10.64 1.30
N ILE B 260 -5.19 -11.34 1.72
CA ILE B 260 -5.22 -12.79 1.83
C ILE B 260 -6.37 -13.33 0.97
N TYR B 261 -6.12 -14.45 0.31
CA TYR B 261 -7.10 -15.07 -0.56
C TYR B 261 -7.25 -16.53 -0.15
N CYS B 262 -8.46 -17.04 -0.36
CA CYS B 262 -8.79 -18.43 -0.06
C CYS B 262 -9.24 -19.14 -1.33
N GLY B 263 -8.61 -20.27 -1.60
CA GLY B 263 -8.92 -21.08 -2.77
C GLY B 263 -8.68 -22.54 -2.49
N GLY B 264 -8.13 -23.24 -3.48
CA GLY B 264 -7.87 -24.65 -3.35
C GLY B 264 -8.40 -25.36 -4.58
N GLY B 265 -8.75 -24.56 -5.60
CA GLY B 265 -9.26 -25.07 -6.86
C GLY B 265 -10.47 -24.37 -7.46
N SER B 266 -10.29 -23.88 -8.70
CA SER B 266 -11.30 -23.23 -9.54
C SER B 266 -11.87 -21.91 -9.03
N SER B 267 -11.50 -21.48 -7.83
CA SER B 267 -12.09 -20.24 -7.34
C SER B 267 -11.20 -19.64 -6.26
N SER B 268 -11.07 -18.32 -6.28
CA SER B 268 -10.26 -17.58 -5.34
C SER B 268 -11.05 -16.37 -4.87
N ALA B 269 -11.25 -16.25 -3.56
CA ALA B 269 -11.98 -15.14 -2.97
C ALA B 269 -11.10 -14.41 -1.97
N CYS B 270 -11.32 -13.10 -1.83
CA CYS B 270 -10.55 -12.30 -0.88
C CYS B 270 -11.28 -12.29 0.46
N VAL B 271 -10.67 -12.95 1.44
CA VAL B 271 -11.26 -13.00 2.78
C VAL B 271 -10.81 -11.84 3.67
N TRP B 272 -9.62 -11.27 3.43
CA TRP B 272 -9.12 -10.17 4.25
C TRP B 272 -8.20 -9.22 3.48
N ARG B 273 -8.37 -7.92 3.76
CA ARG B 273 -7.53 -6.87 3.18
C ARG B 273 -7.11 -5.93 4.29
N ALA B 274 -5.85 -5.46 4.26
CA ALA B 274 -5.39 -4.50 5.27
C ALA B 274 -6.10 -3.16 5.12
N ASN B 275 -6.37 -2.52 6.25
CA ASN B 275 -7.01 -1.22 6.20
C ASN B 275 -6.08 -0.19 5.55
N PRO B 276 -6.63 0.85 4.95
CA PRO B 276 -5.75 1.87 4.36
C PRO B 276 -5.19 2.75 5.48
N MET B 277 -3.91 3.11 5.36
CA MET B 277 -3.33 3.99 6.36
C MET B 277 -3.91 5.39 6.20
N PRO B 278 -4.04 6.15 7.28
CA PRO B 278 -4.55 7.51 7.14
C PRO B 278 -3.54 8.36 6.38
N LYS B 279 -4.02 9.38 5.70
CA LYS B 279 -3.10 10.23 4.95
C LYS B 279 -2.09 10.86 5.90
N GLY B 280 -0.84 10.90 5.44
CA GLY B 280 0.22 11.49 6.22
C GLY B 280 0.54 10.69 7.45
N TYR B 281 0.27 9.39 7.40
CA TYR B 281 0.53 8.52 8.54
C TYR B 281 1.98 8.61 8.98
N GLU B 282 2.92 8.82 8.05
CA GLU B 282 4.32 8.92 8.42
C GLU B 282 4.53 10.03 9.45
N GLN B 283 3.63 11.01 9.45
CA GLN B 283 3.67 12.15 10.37
C GLN B 283 3.59 11.71 11.84
N TYR B 284 2.82 10.65 12.14
CA TYR B 284 2.71 10.19 13.54
C TYR B 284 3.17 8.74 13.64
N TYR B 285 4.48 8.55 13.73
CA TYR B 285 5.16 7.26 13.88
C TYR B 285 4.58 6.16 12.99
N SER B 286 3.96 6.54 11.87
CA SER B 286 3.37 5.58 10.93
C SER B 286 2.27 4.72 11.56
N PHE B 287 1.55 5.29 12.52
CA PHE B 287 0.46 4.58 13.19
C PHE B 287 -0.76 4.41 12.29
N THR B 288 -1.43 3.27 12.46
CA THR B 288 -2.69 3.03 11.77
C THR B 288 -3.75 3.87 12.49
N GLN B 289 -4.92 3.98 11.88
CA GLN B 289 -5.98 4.71 12.57
C GLN B 289 -6.28 4.07 13.93
N PHE B 290 -6.19 2.74 14.00
CA PHE B 290 -6.46 2.04 15.25
C PHE B 290 -5.43 2.40 16.31
N ALA B 291 -4.14 2.34 15.95
CA ALA B 291 -3.09 2.64 16.90
C ALA B 291 -3.15 4.09 17.42
N LEU B 292 -3.63 5.02 16.62
CA LEU B 292 -3.71 6.40 17.07
C LEU B 292 -4.75 6.60 18.17
N GLU B 293 -5.64 5.64 18.38
CA GLU B 293 -6.70 5.80 19.38
C GLU B 293 -6.42 5.14 20.71
N LEU B 294 -5.43 4.24 20.74
CA LEU B 294 -5.14 3.44 21.93
C LEU B 294 -4.75 4.27 23.14
N ASN B 295 -3.84 5.23 22.96
CA ASN B 295 -3.36 6.05 24.06
C ASN B 295 -4.15 7.31 24.29
N GLU B 296 -5.31 7.46 23.67
CA GLU B 296 -6.08 8.68 23.90
C GLU B 296 -6.76 8.61 25.28
N MET B 297 -6.76 9.75 25.96
CA MET B 297 -7.40 9.88 27.25
C MET B 297 -8.81 10.41 27.03
N ASP B 298 -9.83 9.60 27.30
CA ASP B 298 -11.21 10.03 27.14
C ASP B 298 -11.67 10.75 28.42
N PRO B 299 -12.03 12.03 28.37
CA PRO B 299 -12.46 12.73 29.60
C PRO B 299 -13.65 12.11 30.31
N SER B 300 -14.65 11.61 29.57
CA SER B 300 -15.81 11.02 30.21
C SER B 300 -15.56 9.62 30.74
N SER B 301 -14.35 9.07 30.58
CA SER B 301 -14.03 7.74 31.08
C SER B 301 -12.86 7.72 32.07
N LYS B 302 -12.06 8.79 32.16
CA LYS B 302 -10.92 8.90 33.05
C LYS B 302 -11.29 8.37 34.44
N SER B 303 -12.52 8.65 34.85
CA SER B 303 -13.02 8.23 36.16
C SER B 303 -12.95 6.73 36.37
N LEU B 304 -13.29 5.94 35.36
CA LEU B 304 -13.33 4.49 35.48
C LEU B 304 -11.97 3.80 35.40
N LEU B 305 -10.93 4.47 34.91
CA LEU B 305 -9.67 3.74 34.79
C LEU B 305 -8.95 3.58 36.12
N PRO B 306 -8.17 2.50 36.28
CA PRO B 306 -7.33 2.38 37.44
C PRO B 306 -6.13 3.30 37.26
N PRO B 307 -5.61 3.91 38.32
CA PRO B 307 -4.48 4.85 38.16
C PRO B 307 -3.23 4.22 37.57
N THR B 308 -3.21 2.91 37.40
CA THR B 308 -2.11 2.16 36.87
C THR B 308 -2.21 1.93 35.36
N ASP B 309 -3.17 2.57 34.69
CA ASP B 309 -3.37 2.41 33.25
C ASP B 309 -2.34 3.22 32.47
N THR B 310 -1.83 2.62 31.39
CA THR B 310 -0.80 3.28 30.58
C THR B 310 -1.14 4.73 30.19
N ARG B 311 -2.42 5.06 30.01
CA ARG B 311 -2.75 6.42 29.61
C ARG B 311 -2.25 7.46 30.62
N PHE B 312 -1.98 7.05 31.86
CA PHE B 312 -1.49 7.97 32.87
C PHE B 312 0.04 8.07 32.92
N ARG B 313 0.77 7.19 32.23
CA ARG B 313 2.22 7.22 32.32
C ARG B 313 2.76 8.55 31.78
N PRO B 314 3.56 9.29 32.55
CA PRO B 314 4.02 10.61 32.10
C PRO B 314 5.05 10.61 30.98
N ASP B 315 6.05 9.72 31.00
CA ASP B 315 7.05 9.78 29.93
C ASP B 315 6.41 9.54 28.58
N GLN B 316 5.56 8.53 28.49
CA GLN B 316 4.91 8.21 27.22
C GLN B 316 4.06 9.39 26.75
N ARG B 317 3.30 10.02 27.67
CA ARG B 317 2.48 11.15 27.29
C ARG B 317 3.33 12.32 26.80
N PHE B 318 4.42 12.62 27.50
CA PHE B 318 5.28 13.72 27.09
C PHE B 318 5.88 13.44 25.71
N LEU B 319 6.28 12.20 25.48
CA LEU B 319 6.84 11.87 24.18
C LEU B 319 5.78 12.05 23.09
N GLU B 320 4.52 11.76 23.43
CA GLU B 320 3.42 11.95 22.47
C GLU B 320 3.16 13.42 22.23
N GLU B 321 3.51 14.26 23.19
CA GLU B 321 3.32 15.70 23.04
C GLU B 321 4.52 16.38 22.39
N GLY B 322 5.58 15.64 22.06
CA GLY B 322 6.78 16.19 21.44
C GLY B 322 7.82 16.73 22.38
N ASN B 323 7.69 16.48 23.69
CA ASN B 323 8.61 16.99 24.70
C ASN B 323 9.62 15.91 25.05
N LEU B 324 10.56 15.70 24.14
CA LEU B 324 11.59 14.67 24.28
C LEU B 324 12.38 14.80 25.58
N GLU B 325 12.87 15.96 25.87
CA GLU B 325 13.63 16.21 27.09
C GLU B 325 12.84 15.86 28.37
N GLU B 326 11.63 16.40 28.50
CA GLU B 326 10.85 16.08 29.68
C GLU B 326 10.55 14.59 29.71
N ALA B 327 10.31 13.97 28.54
CA ALA B 327 10.01 12.55 28.49
C ALA B 327 11.17 11.72 28.99
N GLU B 328 12.39 12.10 28.60
CA GLU B 328 13.57 11.37 29.04
C GLU B 328 13.73 11.47 30.56
N ILE B 329 13.52 12.68 31.10
CA ILE B 329 13.64 12.85 32.53
C ILE B 329 12.62 11.96 33.25
N GLN B 330 11.37 12.01 32.80
CA GLN B 330 10.34 11.20 33.42
C GLN B 330 10.64 9.72 33.29
N LYS B 331 11.28 9.29 32.21
CA LYS B 331 11.59 7.88 32.04
C LYS B 331 12.60 7.44 33.08
N GLN B 332 13.67 8.22 33.25
CA GLN B 332 14.66 7.80 34.26
C GLN B 332 14.02 7.79 35.63
N ARG B 333 13.12 8.76 35.89
CA ARG B 333 12.47 8.78 37.19
C ARG B 333 11.68 7.50 37.41
N ILE B 334 10.87 7.11 36.42
CA ILE B 334 10.04 5.91 36.52
C ILE B 334 10.90 4.68 36.71
N GLU B 335 12.05 4.64 36.05
CA GLU B 335 12.92 3.47 36.18
C GLU B 335 13.47 3.38 37.60
N GLN B 336 13.87 4.50 38.18
CA GLN B 336 14.38 4.46 39.54
C GLN B 336 13.29 4.00 40.49
N LEU B 337 12.06 4.45 40.27
CA LEU B 337 10.98 4.02 41.17
C LEU B 337 10.76 2.52 41.08
N GLN B 338 10.77 1.97 39.86
CA GLN B 338 10.59 0.52 39.73
C GLN B 338 11.71 -0.22 40.45
N ARG B 339 12.95 0.29 40.33
CA ARG B 339 14.05 -0.36 41.02
C ARG B 339 13.87 -0.31 42.52
N GLU B 340 13.42 0.83 43.05
CA GLU B 340 13.24 0.93 44.49
C GLU B 340 12.16 -0.03 44.98
N ARG B 341 11.05 -0.11 44.24
CA ARG B 341 9.99 -1.05 44.61
C ARG B 341 10.51 -2.48 44.60
N ARG B 342 11.29 -2.84 43.57
CA ARG B 342 11.77 -4.21 43.51
C ARG B 342 12.74 -4.51 44.63
N ARG B 343 13.62 -3.58 44.98
CA ARG B 343 14.58 -3.93 46.01
C ARG B 343 13.85 -4.09 47.36
N VAL B 344 12.86 -3.23 47.64
CA VAL B 344 12.09 -3.38 48.88
C VAL B 344 11.46 -4.77 48.93
N LEU B 345 10.86 -5.20 47.81
CA LEU B 345 10.25 -6.54 47.76
C LEU B 345 11.30 -7.62 47.99
N GLU B 346 12.50 -7.44 47.43
CA GLU B 346 13.56 -8.41 47.60
C GLU B 346 13.96 -8.55 49.07
N GLU B 347 14.22 -7.40 49.73
CA GLU B 347 14.62 -7.41 51.14
C GLU B 347 13.59 -8.07 52.04
N ASN B 348 12.32 -8.06 51.65
CA ASN B 348 11.26 -8.67 52.44
C ASN B 348 10.91 -10.08 51.99
N HIS B 349 11.64 -10.63 51.01
CA HIS B 349 11.38 -11.98 50.50
C HIS B 349 9.92 -12.11 50.08
N VAL B 350 9.42 -11.08 49.39
CA VAL B 350 8.05 -11.06 48.90
C VAL B 350 8.08 -11.12 47.38
N GLU B 351 7.34 -12.06 46.84
CA GLU B 351 7.25 -12.24 45.39
C GLU B 351 6.12 -11.36 44.87
N HIS B 352 6.37 -10.67 43.76
CA HIS B 352 5.34 -9.80 43.19
C HIS B 352 4.09 -10.60 42.82
N GLN B 353 2.92 -10.01 43.06
CA GLN B 353 1.63 -10.65 42.77
C GLN B 353 0.78 -9.80 41.84
N PRO B 354 0.58 -10.21 40.60
CA PRO B 354 -0.27 -9.44 39.68
C PRO B 354 -1.71 -9.35 40.20
N ARG B 355 -2.35 -8.19 39.94
CA ARG B 355 -3.75 -7.97 40.37
C ARG B 355 -4.79 -8.75 39.55
N PHE B 356 -4.66 -8.79 38.24
CA PHE B 356 -5.72 -9.37 37.42
C PHE B 356 -5.34 -10.61 36.66
N PHE B 357 -4.17 -11.14 36.86
CA PHE B 357 -3.85 -12.35 36.15
C PHE B 357 -3.24 -13.27 37.17
N ARG B 358 -3.44 -14.55 36.95
CA ARG B 358 -2.88 -15.58 37.79
C ARG B 358 -2.23 -16.52 36.81
N LYS B 359 -1.21 -17.19 37.28
CA LYS B 359 -0.49 -18.12 36.44
C LYS B 359 -1.10 -19.49 36.59
N SER B 360 -1.60 -20.04 35.50
CA SER B 360 -2.11 -21.39 35.39
C SER B 360 -0.96 -22.15 34.73
N ASP B 361 -1.18 -23.40 34.34
CA ASP B 361 -0.12 -24.33 33.93
C ASP B 361 1.24 -23.67 33.74
N GLY B 362 1.41 -22.80 32.76
CA GLY B 362 2.70 -22.15 32.69
C GLY B 362 2.50 -20.77 32.11
N SER B 363 1.25 -20.39 31.96
CA SER B 363 0.90 -19.12 31.34
C SER B 363 0.04 -18.27 32.26
N TRP B 364 -0.05 -17.00 31.90
CA TRP B 364 -0.84 -16.06 32.66
C TRP B 364 -2.21 -15.96 32.01
N VAL B 365 -3.26 -16.09 32.83
CA VAL B 365 -4.64 -16.03 32.39
C VAL B 365 -5.39 -15.17 33.40
N SER B 366 -6.48 -14.60 32.92
CA SER B 366 -7.30 -13.71 33.71
C SER B 366 -7.82 -14.36 34.98
N ASN B 367 -7.63 -13.68 36.10
CA ASN B 367 -8.21 -14.20 37.34
C ASN B 367 -9.64 -13.73 37.38
N GLY B 368 -9.98 -12.96 36.34
CA GLY B 368 -11.21 -12.35 35.93
C GLY B 368 -11.69 -11.14 36.70
N THR B 369 -10.96 -10.62 37.66
CA THR B 369 -11.52 -9.53 38.44
C THR B 369 -11.60 -8.19 37.72
N TYR B 370 -10.81 -7.97 36.66
CA TYR B 370 -10.77 -6.65 36.05
C TYR B 370 -12.14 -6.08 35.69
N LEU B 371 -12.88 -6.74 34.79
CA LEU B 371 -14.15 -6.16 34.35
C LEU B 371 -15.20 -6.07 35.46
N GLU B 372 -15.13 -6.95 36.46
CA GLU B 372 -16.11 -6.92 37.55
C GLU B 372 -15.85 -5.76 38.48
N LEU B 373 -14.58 -5.47 38.77
CA LEU B 373 -14.21 -4.37 39.65
C LEU B 373 -14.32 -3.01 38.98
N ARG B 374 -14.29 -2.96 37.65
CA ARG B 374 -14.42 -1.67 36.96
C ARG B 374 -15.83 -1.10 37.14
N LYS B 375 -16.82 -1.97 37.02
CA LYS B 375 -18.23 -1.58 37.14
C LYS B 375 -18.52 -0.63 38.28
N ASP B 376 -19.44 0.30 37.99
CA ASP B 376 -19.93 1.35 38.85
C ASP B 376 -18.82 2.00 39.64
N LEU B 377 -17.68 2.21 38.95
CA LEU B 377 -16.55 2.94 39.51
C LEU B 377 -15.92 2.23 40.71
N GLY B 378 -15.67 0.93 40.56
CA GLY B 378 -15.04 0.21 41.65
C GLY B 378 -13.54 0.35 41.74
N PHE B 379 -12.89 0.95 40.74
CA PHE B 379 -11.44 1.13 40.78
C PHE B 379 -11.03 2.26 41.71
N SER B 380 -11.90 3.24 41.89
CA SER B 380 -11.57 4.32 42.81
C SER B 380 -11.70 3.92 44.28
N LYS B 381 -12.41 2.83 44.58
CA LYS B 381 -12.63 2.36 45.95
C LYS B 381 -11.55 1.40 46.47
N LEU B 382 -10.56 1.04 45.67
CA LEU B 382 -9.48 0.18 46.14
C LEU B 382 -8.18 0.79 45.65
N ASP B 383 -7.14 0.80 46.50
CA ASP B 383 -5.87 1.38 46.08
C ASP B 383 -5.04 0.35 45.31
N HIS B 384 -4.13 0.87 44.48
CA HIS B 384 -3.26 0.14 43.58
C HIS B 384 -1.81 0.56 43.75
N PRO B 385 -0.87 -0.18 43.14
CA PRO B 385 0.53 0.23 43.25
C PRO B 385 0.70 1.61 42.64
N VAL B 386 1.60 2.40 43.20
CA VAL B 386 1.86 3.72 42.66
C VAL B 386 3.13 3.57 41.86
N LEU B 387 2.99 3.66 40.53
CA LEU B 387 4.09 3.46 39.59
C LEU B 387 4.70 4.75 39.10
N TRP B 388 4.18 5.88 39.52
CA TRP B 388 4.70 7.15 39.12
C TRP B 388 3.94 8.23 39.90
#